data_9JML
#
_entry.id   9JML
#
_cell.length_a   86.993
_cell.length_b   86.993
_cell.length_c   225.878
_cell.angle_alpha   90.00
_cell.angle_beta   90.00
_cell.angle_gamma   90.00
#
_symmetry.space_group_name_H-M   'P 41 21 2'
#
loop_
_entity.id
_entity.type
_entity.pdbx_description
1 polymer 'NADP-dependent oxidoreductase'
2 non-polymer (1Z,3Z,5Z,7S,8R,9S,10S,11R,13R,15R,16Z,18Z,24S)-11-ethyl-2,7-dihydroxy-10-methyl-21,25-diazatetracyclo[22.2.1.08,15.09,13]heptacosa-1,3,5,16,18-pentaene-20,26,27-trione
3 non-polymer 'NADP NICOTINAMIDE-ADENINE-DINUCLEOTIDE PHOSPHATE'
4 water water
#
_entity_poly.entity_id   1
_entity_poly.type   'polypeptide(L)'
_entity_poly.pdbx_seq_one_letter_code
;LGSMKTERWVVREHVEGVPDAARIYEKVETELNTRLGEEQMLLKTLYVSVDPYLQGICLDTPIGDHMGADSIMQVLDAGP
NAPFRPGDLVQGFGGWRTHLVSDGKPKLWQTGTFPMVFPAYRKLDLRHYDDALPLSTALGVMGGPGMTAWGTMTKFMQVR
PGDTVVVSGASGMIGTLVGQMAKRAGARVVGTAGSAGKARYLSQLGFDAVIDYKLADDADKMREALREAAPDGVDKYFDS
IGGSVTDAVFSMLNVGSQVAVCWQWATQVQRDYHGPRLLPYIMFPRATIRGIFSLEWFTEQNWSALHEELGGLVRRQELV
AHETVQDGFEHIPAAYQTLFSASESNRGKVLVRV
;
_entity_poly.pdbx_strand_id   A,B
#
# COMPACT_ATOMS: atom_id res chain seq x y z
N LEU A 1 -34.61 -44.11 3.66
CA LEU A 1 -35.18 -42.79 3.45
C LEU A 1 -35.28 -42.46 1.95
N GLY A 2 -34.83 -41.27 1.55
CA GLY A 2 -35.04 -40.79 0.19
C GLY A 2 -33.80 -40.17 -0.42
N SER A 3 -33.90 -39.94 -1.72
CA SER A 3 -32.87 -39.26 -2.49
C SER A 3 -33.57 -38.55 -3.63
N MET A 4 -32.84 -37.69 -4.32
CA MET A 4 -33.43 -36.99 -5.46
C MET A 4 -32.39 -36.86 -6.57
N LYS A 5 -32.90 -36.63 -7.78
CA LYS A 5 -32.05 -36.32 -8.92
C LYS A 5 -31.66 -34.84 -8.86
N THR A 6 -30.37 -34.56 -9.01
CA THR A 6 -29.85 -33.20 -9.08
C THR A 6 -28.83 -33.13 -10.20
N GLU A 7 -28.56 -31.91 -10.67
CA GLU A 7 -27.49 -31.71 -11.66
C GLU A 7 -26.40 -30.81 -11.08
N ARG A 8 -25.17 -31.10 -11.45
CA ARG A 8 -24.03 -30.30 -11.02
C ARG A 8 -23.14 -30.02 -12.22
N TRP A 9 -22.54 -28.82 -12.23
CA TRP A 9 -21.39 -28.55 -13.09
C TRP A 9 -20.14 -28.82 -12.29
N VAL A 10 -19.32 -29.78 -12.73
CA VAL A 10 -18.12 -30.15 -12.00
C VAL A 10 -16.90 -29.77 -12.83
N VAL A 11 -15.75 -29.73 -12.17
CA VAL A 11 -14.51 -29.30 -12.81
C VAL A 11 -13.86 -30.52 -13.46
N ARG A 12 -13.87 -30.54 -14.79
CA ARG A 12 -13.30 -31.63 -15.57
C ARG A 12 -11.80 -31.46 -15.83
N GLU A 13 -11.31 -30.23 -15.91
CA GLU A 13 -9.93 -30.01 -16.31
C GLU A 13 -9.48 -28.63 -15.83
N HIS A 14 -8.21 -28.54 -15.43
CA HIS A 14 -7.58 -27.30 -14.98
C HIS A 14 -6.77 -26.71 -16.12
N VAL A 15 -7.14 -25.51 -16.56
CA VAL A 15 -6.41 -24.74 -17.55
C VAL A 15 -6.24 -23.34 -17.00
N GLU A 16 -5.04 -22.78 -17.13
CA GLU A 16 -4.82 -21.43 -16.64
C GLU A 16 -5.24 -20.40 -17.68
N GLY A 17 -5.14 -19.13 -17.31
CA GLY A 17 -5.46 -18.07 -18.25
C GLY A 17 -6.97 -17.94 -18.46
N VAL A 18 -7.34 -17.50 -19.65
CA VAL A 18 -8.74 -17.29 -19.99
C VAL A 18 -9.42 -18.65 -20.06
N PRO A 19 -10.46 -18.89 -19.27
CA PRO A 19 -11.06 -20.22 -19.24
C PRO A 19 -11.80 -20.53 -20.53
N ASP A 20 -11.71 -21.80 -20.94
CA ASP A 20 -12.57 -22.39 -21.96
C ASP A 20 -13.67 -23.12 -21.18
N ALA A 21 -14.79 -22.43 -20.94
CA ALA A 21 -15.82 -22.95 -20.07
C ALA A 21 -16.38 -24.27 -20.60
N ALA A 22 -16.65 -24.33 -21.91
CA ALA A 22 -17.16 -25.55 -22.53
C ALA A 22 -16.26 -26.75 -22.25
N ARG A 23 -14.96 -26.50 -22.10
CA ARG A 23 -13.99 -27.57 -21.91
C ARG A 23 -13.71 -27.86 -20.44
N ILE A 24 -13.68 -26.82 -19.59
CA ILE A 24 -13.32 -27.00 -18.19
C ILE A 24 -14.43 -27.68 -17.39
N TYR A 25 -15.69 -27.49 -17.78
CA TYR A 25 -16.83 -27.93 -16.98
C TYR A 25 -17.64 -28.99 -17.72
N GLU A 26 -18.22 -29.90 -16.93
CA GLU A 26 -19.11 -30.91 -17.46
C GLU A 26 -20.34 -31.01 -16.56
N LYS A 27 -21.52 -31.02 -17.14
CA LYS A 27 -22.77 -31.12 -16.39
C LYS A 27 -23.09 -32.59 -16.13
N VAL A 28 -23.22 -32.96 -14.84
CA VAL A 28 -23.44 -34.33 -14.44
C VAL A 28 -24.75 -34.43 -13.66
N GLU A 29 -25.31 -35.63 -13.65
CA GLU A 29 -26.47 -35.97 -12.82
C GLU A 29 -25.97 -36.60 -11.53
N THR A 30 -26.49 -36.14 -10.39
CA THR A 30 -26.00 -36.58 -9.09
C THR A 30 -27.18 -36.93 -8.20
N GLU A 31 -27.18 -38.15 -7.67
CA GLU A 31 -28.20 -38.55 -6.71
C GLU A 31 -27.86 -37.97 -5.35
N LEU A 32 -28.78 -37.20 -4.79
CA LEU A 32 -28.55 -36.46 -3.55
C LEU A 32 -29.37 -37.08 -2.42
N ASN A 33 -28.70 -37.48 -1.34
CA ASN A 33 -29.38 -37.99 -0.16
C ASN A 33 -30.20 -36.87 0.47
N THR A 34 -31.50 -37.08 0.61
CA THR A 34 -32.37 -36.07 1.17
C THR A 34 -32.66 -36.28 2.66
N ARG A 35 -31.90 -37.16 3.32
CA ARG A 35 -32.02 -37.37 4.76
C ARG A 35 -31.13 -36.36 5.47
N LEU A 36 -31.72 -35.57 6.38
CA LEU A 36 -31.08 -34.38 6.92
C LEU A 36 -30.62 -34.61 8.35
N GLY A 37 -29.39 -34.20 8.65
CA GLY A 37 -28.95 -34.08 10.01
C GLY A 37 -29.70 -32.97 10.75
N GLU A 38 -29.46 -32.90 12.06
CA GLU A 38 -30.25 -32.03 12.93
C GLU A 38 -30.31 -30.58 12.40
N GLU A 39 -29.20 -30.08 11.90
CA GLU A 39 -29.06 -28.68 11.50
C GLU A 39 -29.02 -28.49 9.99
N GLN A 40 -29.11 -29.56 9.20
CA GLN A 40 -28.92 -29.41 7.77
C GLN A 40 -30.22 -28.99 7.10
N MET A 41 -30.05 -28.43 5.89
CA MET A 41 -31.15 -28.00 5.05
C MET A 41 -30.98 -28.61 3.67
N LEU A 42 -32.09 -28.98 3.05
CA LEU A 42 -32.11 -29.31 1.63
C LEU A 42 -32.46 -28.03 0.88
N LEU A 43 -31.60 -27.61 -0.05
CA LEU A 43 -31.71 -26.30 -0.68
C LEU A 43 -31.82 -26.44 -2.18
N LYS A 44 -32.66 -25.59 -2.78
CA LYS A 44 -32.82 -25.48 -4.22
C LYS A 44 -32.26 -24.14 -4.69
N THR A 45 -31.38 -24.18 -5.67
CA THR A 45 -30.77 -22.99 -6.23
C THR A 45 -31.76 -22.23 -7.12
N LEU A 46 -31.93 -20.94 -6.83
CA LEU A 46 -32.78 -20.07 -7.66
C LEU A 46 -31.98 -19.23 -8.64
N TYR A 47 -30.84 -18.68 -8.21
CA TYR A 47 -29.94 -17.91 -9.05
C TYR A 47 -28.50 -18.25 -8.67
N VAL A 48 -27.61 -18.15 -9.66
CA VAL A 48 -26.18 -18.31 -9.39
C VAL A 48 -25.43 -17.17 -10.05
N SER A 49 -24.32 -16.79 -9.43
CA SER A 49 -23.44 -15.75 -9.94
C SER A 49 -22.31 -16.39 -10.73
N VAL A 50 -21.83 -15.67 -11.75
CA VAL A 50 -20.56 -15.97 -12.40
C VAL A 50 -19.68 -14.73 -12.26
N ASP A 51 -18.39 -14.95 -11.99
CA ASP A 51 -17.49 -13.86 -11.63
C ASP A 51 -16.08 -14.18 -12.11
N PRO A 52 -15.29 -13.16 -12.43
CA PRO A 52 -13.88 -13.40 -12.77
C PRO A 52 -13.11 -14.15 -11.71
N TYR A 53 -13.40 -13.92 -10.42
CA TYR A 53 -12.64 -14.62 -9.37
C TYR A 53 -12.93 -16.12 -9.31
N LEU A 54 -13.95 -16.60 -10.02
CA LEU A 54 -14.13 -18.06 -10.10
C LEU A 54 -13.02 -18.71 -10.91
N GLN A 55 -12.31 -17.95 -11.74
CA GLN A 55 -11.22 -18.52 -12.52
C GLN A 55 -10.14 -19.12 -11.61
N GLY A 56 -9.82 -18.45 -10.51
CA GLY A 56 -8.79 -18.96 -9.60
C GLY A 56 -9.31 -19.98 -8.60
N ILE A 57 -10.55 -19.83 -8.17
CA ILE A 57 -11.16 -20.85 -7.32
C ILE A 57 -11.27 -22.18 -8.08
N CYS A 58 -11.67 -22.13 -9.35
CA CYS A 58 -11.73 -23.31 -10.19
C CYS A 58 -10.40 -24.05 -10.19
N LEU A 59 -9.29 -23.32 -10.39
CA LEU A 59 -7.97 -23.94 -10.43
C LEU A 59 -7.56 -24.51 -9.10
N ASP A 60 -8.21 -24.11 -8.01
CA ASP A 60 -8.00 -24.70 -6.69
C ASP A 60 -9.04 -25.75 -6.35
N THR A 61 -9.91 -26.07 -7.30
CA THR A 61 -10.98 -27.05 -7.03
C THR A 61 -10.53 -28.43 -7.48
N PRO A 62 -10.56 -29.45 -6.62
CA PRO A 62 -10.20 -30.79 -7.08
C PRO A 62 -11.02 -31.24 -8.29
N ILE A 63 -10.34 -31.86 -9.26
CA ILE A 63 -11.02 -32.40 -10.41
C ILE A 63 -12.15 -33.30 -9.95
N GLY A 64 -13.31 -33.16 -10.58
CA GLY A 64 -14.49 -33.89 -10.19
C GLY A 64 -15.40 -33.19 -9.19
N ASP A 65 -14.91 -32.17 -8.48
CA ASP A 65 -15.79 -31.47 -7.54
C ASP A 65 -16.63 -30.41 -8.27
N HIS A 66 -17.76 -30.07 -7.67
CA HIS A 66 -18.62 -29.06 -8.26
C HIS A 66 -17.91 -27.70 -8.20
N MET A 67 -18.33 -26.80 -9.09
CA MET A 67 -17.78 -25.44 -9.13
C MET A 67 -18.48 -24.56 -8.11
N GLY A 68 -17.74 -24.07 -7.12
CA GLY A 68 -18.29 -23.11 -6.18
C GLY A 68 -18.71 -21.83 -6.87
N ALA A 69 -19.64 -21.12 -6.24
CA ALA A 69 -20.14 -19.86 -6.75
C ALA A 69 -21.14 -19.30 -5.76
N ASP A 70 -21.25 -17.97 -5.67
CA ASP A 70 -22.28 -17.33 -4.88
C ASP A 70 -23.66 -17.61 -5.49
N SER A 71 -24.64 -17.93 -4.64
CA SER A 71 -25.95 -18.29 -5.15
C SER A 71 -27.04 -17.85 -4.17
N ILE A 72 -28.27 -17.81 -4.70
CA ILE A 72 -29.47 -17.61 -3.90
C ILE A 72 -30.23 -18.93 -3.89
N MET A 73 -30.62 -19.40 -2.70
CA MET A 73 -31.17 -20.74 -2.52
C MET A 73 -32.43 -20.64 -1.67
N GLN A 74 -33.37 -21.58 -1.89
CA GLN A 74 -34.59 -21.66 -1.09
C GLN A 74 -34.61 -22.97 -0.33
N VAL A 75 -34.92 -22.91 0.96
CA VAL A 75 -34.96 -24.12 1.77
C VAL A 75 -36.18 -24.95 1.36
N LEU A 76 -35.93 -26.20 0.99
CA LEU A 76 -37.04 -27.13 0.72
C LEU A 76 -37.41 -27.95 1.94
N ASP A 77 -36.43 -28.29 2.77
CA ASP A 77 -36.63 -29.09 3.97
C ASP A 77 -35.50 -28.74 4.93
N ALA A 78 -35.70 -29.05 6.21
CA ALA A 78 -34.72 -28.64 7.21
C ALA A 78 -34.77 -29.55 8.42
N GLY A 79 -33.60 -29.84 8.99
CA GLY A 79 -33.53 -30.53 10.26
C GLY A 79 -34.17 -29.71 11.37
N PRO A 80 -34.43 -30.36 12.50
CA PRO A 80 -35.11 -29.65 13.61
C PRO A 80 -34.36 -28.43 14.12
N ASN A 81 -33.02 -28.42 14.05
CA ASN A 81 -32.24 -27.29 14.56
C ASN A 81 -31.59 -26.50 13.43
N ALA A 82 -32.09 -26.62 12.21
CA ALA A 82 -31.56 -25.85 11.10
C ALA A 82 -31.75 -24.35 11.36
N PRO A 83 -30.85 -23.51 10.87
CA PRO A 83 -31.01 -22.06 11.10
C PRO A 83 -32.19 -21.47 10.36
N PHE A 84 -32.65 -22.08 9.27
CA PHE A 84 -33.74 -21.52 8.49
C PHE A 84 -34.80 -22.59 8.23
N ARG A 85 -36.03 -22.13 7.99
CA ARG A 85 -37.19 -23.00 7.81
C ARG A 85 -37.51 -23.17 6.33
N PRO A 86 -38.29 -24.21 5.99
CA PRO A 86 -38.69 -24.38 4.59
C PRO A 86 -39.35 -23.12 4.02
N GLY A 87 -38.98 -22.80 2.78
CA GLY A 87 -39.43 -21.60 2.13
C GLY A 87 -38.53 -20.40 2.33
N ASP A 88 -37.67 -20.41 3.34
CA ASP A 88 -36.74 -19.31 3.54
C ASP A 88 -35.76 -19.20 2.38
N LEU A 89 -35.31 -17.96 2.12
CA LEU A 89 -34.31 -17.68 1.11
C LEU A 89 -32.99 -17.33 1.79
N VAL A 90 -31.89 -17.85 1.23
CA VAL A 90 -30.57 -17.53 1.77
C VAL A 90 -29.62 -17.21 0.61
N GLN A 91 -28.59 -16.43 0.92
CA GLN A 91 -27.50 -16.18 -0.01
C GLN A 91 -26.23 -16.79 0.59
N GLY A 92 -25.53 -17.60 -0.21
CA GLY A 92 -24.31 -18.22 0.26
C GLY A 92 -23.64 -18.90 -0.91
N PHE A 93 -22.49 -19.51 -0.63
CA PHE A 93 -21.64 -20.09 -1.67
C PHE A 93 -22.10 -21.51 -2.01
N GLY A 94 -23.31 -21.60 -2.56
CA GLY A 94 -23.90 -22.89 -2.85
C GLY A 94 -23.35 -23.56 -4.09
N GLY A 95 -22.90 -22.78 -5.08
CA GLY A 95 -22.22 -23.35 -6.23
C GLY A 95 -23.15 -23.65 -7.40
N TRP A 96 -22.53 -24.17 -8.47
CA TRP A 96 -23.26 -24.47 -9.71
C TRP A 96 -23.92 -25.84 -9.58
N ARG A 97 -24.97 -25.89 -8.75
CA ARG A 97 -25.71 -27.11 -8.43
C ARG A 97 -27.19 -26.78 -8.34
N THR A 98 -28.04 -27.68 -8.85
CA THR A 98 -29.47 -27.43 -8.79
C THR A 98 -30.00 -27.54 -7.36
N HIS A 99 -29.37 -28.42 -6.57
CA HIS A 99 -29.79 -28.67 -5.20
C HIS A 99 -28.57 -29.11 -4.42
N LEU A 100 -28.66 -29.00 -3.10
CA LEU A 100 -27.53 -29.32 -2.25
C LEU A 100 -28.06 -29.40 -0.82
N VAL A 101 -27.26 -30.01 0.05
CA VAL A 101 -27.55 -30.12 1.47
C VAL A 101 -26.42 -29.42 2.22
N SER A 102 -26.79 -28.57 3.17
CA SER A 102 -25.78 -27.85 3.94
C SER A 102 -26.40 -27.40 5.25
N ASP A 103 -25.57 -27.23 6.27
CA ASP A 103 -26.06 -26.63 7.49
C ASP A 103 -25.90 -25.12 7.50
N GLY A 104 -25.33 -24.54 6.44
CA GLY A 104 -25.24 -23.08 6.34
C GLY A 104 -24.21 -22.44 7.23
N LYS A 105 -23.35 -23.23 7.88
CA LYS A 105 -22.32 -22.71 8.75
C LYS A 105 -21.11 -22.23 7.93
N PRO A 106 -20.27 -21.38 8.52
CA PRO A 106 -19.04 -20.97 7.82
C PRO A 106 -18.19 -22.20 7.52
N LYS A 107 -17.54 -22.18 6.35
CA LYS A 107 -16.84 -23.37 5.87
C LYS A 107 -15.48 -22.97 5.32
N LEU A 108 -14.41 -23.58 5.85
CA LEU A 108 -13.08 -23.32 5.34
C LEU A 108 -12.97 -23.80 3.89
N TRP A 109 -12.28 -23.00 3.07
CA TRP A 109 -11.93 -23.40 1.70
C TRP A 109 -10.64 -24.19 1.82
N GLN A 110 -10.78 -25.53 1.88
CA GLN A 110 -9.66 -26.39 2.27
C GLN A 110 -8.51 -26.28 1.27
N THR A 111 -8.81 -26.30 -0.01
CA THR A 111 -7.80 -26.31 -1.06
C THR A 111 -7.42 -24.91 -1.54
N GLY A 112 -7.78 -23.87 -0.79
CA GLY A 112 -7.59 -22.51 -1.29
C GLY A 112 -6.14 -22.06 -1.22
N THR A 113 -5.73 -21.30 -2.23
CA THR A 113 -4.44 -20.60 -2.17
C THR A 113 -4.30 -19.85 -0.84
N PHE A 114 -5.38 -19.19 -0.38
CA PHE A 114 -5.50 -18.53 0.91
C PHE A 114 -6.51 -19.24 1.78
N PRO A 115 -6.30 -19.32 3.10
CA PRO A 115 -7.25 -19.99 3.98
C PRO A 115 -8.55 -19.22 4.16
N MET A 116 -9.21 -18.92 3.04
CA MET A 116 -10.49 -18.23 3.07
C MET A 116 -11.56 -19.10 3.72
N VAL A 117 -12.48 -18.45 4.44
CA VAL A 117 -13.64 -19.10 5.06
C VAL A 117 -14.91 -18.52 4.45
N PHE A 118 -15.60 -19.33 3.65
CA PHE A 118 -16.90 -18.89 3.14
C PHE A 118 -17.84 -18.58 4.30
N PRO A 119 -18.57 -17.46 4.24
CA PRO A 119 -19.40 -17.07 5.38
C PRO A 119 -20.63 -17.96 5.54
N ALA A 120 -21.19 -17.89 6.75
CA ALA A 120 -22.52 -18.45 7.00
C ALA A 120 -23.52 -17.95 5.98
N TYR A 121 -24.42 -18.84 5.54
CA TYR A 121 -25.53 -18.44 4.70
C TYR A 121 -26.27 -17.28 5.33
N ARG A 122 -26.71 -16.34 4.50
CA ARG A 122 -27.36 -15.11 4.93
C ARG A 122 -28.84 -15.17 4.59
N LYS A 123 -29.70 -14.96 5.59
CA LYS A 123 -31.13 -14.99 5.33
C LYS A 123 -31.53 -13.74 4.57
N LEU A 124 -32.33 -13.92 3.53
CA LEU A 124 -32.82 -12.79 2.75
C LEU A 124 -34.25 -12.49 3.19
N ASP A 125 -34.56 -11.21 3.29
CA ASP A 125 -35.87 -10.74 3.69
C ASP A 125 -36.53 -10.08 2.49
N LEU A 126 -37.67 -10.62 2.06
CA LEU A 126 -38.28 -10.13 0.83
C LEU A 126 -38.69 -8.67 0.94
N ARG A 127 -38.90 -8.15 2.15
CA ARG A 127 -39.26 -6.74 2.26
C ARG A 127 -38.19 -5.83 1.65
N HIS A 128 -36.95 -6.30 1.50
CA HIS A 128 -35.88 -5.47 0.94
C HIS A 128 -35.92 -5.36 -0.58
N TYR A 129 -36.66 -6.23 -1.26
CA TYR A 129 -36.58 -6.31 -2.70
C TYR A 129 -37.92 -5.94 -3.30
N ASP A 130 -37.86 -5.35 -4.48
CA ASP A 130 -39.02 -4.92 -5.21
C ASP A 130 -38.60 -4.81 -6.66
N ASP A 131 -39.51 -4.32 -7.50
CA ASP A 131 -39.22 -4.33 -8.94
C ASP A 131 -37.99 -3.50 -9.28
N ALA A 132 -37.71 -2.45 -8.51
CA ALA A 132 -36.53 -1.63 -8.75
C ALA A 132 -35.24 -2.30 -8.26
N LEU A 133 -35.35 -3.12 -7.22
CA LEU A 133 -34.20 -3.78 -6.60
C LEU A 133 -34.61 -5.23 -6.33
N PRO A 134 -34.64 -6.07 -7.36
CA PRO A 134 -35.25 -7.41 -7.20
C PRO A 134 -34.37 -8.35 -6.40
N LEU A 135 -34.98 -9.48 -6.05
CA LEU A 135 -34.32 -10.51 -5.24
C LEU A 135 -32.94 -10.85 -5.79
N SER A 136 -32.81 -10.91 -7.10
CA SER A 136 -31.53 -11.24 -7.71
C SER A 136 -30.41 -10.29 -7.30
N THR A 137 -30.71 -9.05 -6.87
CA THR A 137 -29.65 -8.14 -6.43
C THR A 137 -28.91 -8.62 -5.19
N ALA A 138 -29.45 -9.63 -4.49
CA ALA A 138 -28.70 -10.24 -3.40
C ALA A 138 -27.39 -10.84 -3.88
N LEU A 139 -27.21 -11.00 -5.20
CA LEU A 139 -25.95 -11.44 -5.79
C LEU A 139 -25.18 -10.30 -6.43
N GLY A 140 -25.71 -9.07 -6.40
CA GLY A 140 -25.10 -7.96 -7.09
C GLY A 140 -25.02 -6.72 -6.21
N VAL A 141 -25.77 -5.68 -6.55
CA VAL A 141 -25.65 -4.42 -5.82
C VAL A 141 -26.03 -4.58 -4.35
N MET A 142 -26.97 -5.47 -4.03
CA MET A 142 -27.28 -5.81 -2.64
C MET A 142 -26.59 -7.11 -2.21
N GLY A 143 -25.45 -7.42 -2.80
CA GLY A 143 -24.70 -8.60 -2.42
C GLY A 143 -23.20 -8.31 -2.40
N GLY A 144 -22.38 -9.32 -2.66
CA GLY A 144 -20.94 -9.20 -2.58
C GLY A 144 -20.39 -8.04 -3.39
N PRO A 145 -20.78 -7.93 -4.67
CA PRO A 145 -20.29 -6.78 -5.47
C PRO A 145 -20.66 -5.43 -4.87
N GLY A 146 -21.92 -5.21 -4.51
CA GLY A 146 -22.27 -3.95 -3.87
C GLY A 146 -21.49 -3.71 -2.59
N MET A 147 -21.35 -4.75 -1.77
CA MET A 147 -20.64 -4.59 -0.50
C MET A 147 -19.18 -4.21 -0.73
N THR A 148 -18.55 -4.81 -1.75
CA THR A 148 -17.16 -4.48 -2.11
C THR A 148 -17.00 -3.00 -2.47
N ALA A 149 -17.88 -2.50 -3.32
CA ALA A 149 -17.79 -1.09 -3.74
C ALA A 149 -18.18 -0.15 -2.60
N TRP A 150 -19.36 -0.37 -1.99
CA TRP A 150 -19.81 0.47 -0.89
C TRP A 150 -18.83 0.41 0.30
N GLY A 151 -18.37 -0.79 0.64
CA GLY A 151 -17.42 -0.90 1.75
C GLY A 151 -16.13 -0.12 1.49
N THR A 152 -15.54 -0.30 0.30
CA THR A 152 -14.29 0.41 -0.01
C THR A 152 -14.48 1.92 0.10
N MET A 153 -15.61 2.42 -0.41
CA MET A 153 -15.81 3.86 -0.54
C MET A 153 -16.30 4.52 0.74
N THR A 154 -16.78 3.75 1.70
CA THR A 154 -17.18 4.30 2.99
C THR A 154 -16.24 3.97 4.11
N LYS A 155 -15.43 2.91 4.00
CA LYS A 155 -14.54 2.52 5.07
C LYS A 155 -13.07 2.75 4.78
N PHE A 156 -12.71 3.00 3.52
CA PHE A 156 -11.29 3.23 3.22
C PHE A 156 -11.10 4.53 2.43
N MET A 157 -11.62 4.57 1.21
CA MET A 157 -11.39 5.74 0.37
C MET A 157 -12.17 6.93 0.91
N GLN A 158 -11.56 8.09 0.86
CA GLN A 158 -12.20 9.33 1.32
C GLN A 158 -12.16 10.30 0.15
N VAL A 159 -13.03 10.07 -0.84
CA VAL A 159 -13.04 10.95 -2.01
C VAL A 159 -13.49 12.34 -1.59
N ARG A 160 -12.73 13.37 -2.04
CA ARG A 160 -13.06 14.77 -1.77
C ARG A 160 -13.44 15.50 -3.07
N PRO A 161 -14.25 16.56 -2.98
CA PRO A 161 -14.59 17.31 -4.19
C PRO A 161 -13.33 17.79 -4.89
N GLY A 162 -13.31 17.65 -6.21
CA GLY A 162 -12.15 18.02 -6.98
C GLY A 162 -11.08 16.94 -7.10
N ASP A 163 -11.21 15.83 -6.39
CA ASP A 163 -10.31 14.71 -6.58
C ASP A 163 -10.43 14.16 -8.01
N THR A 164 -9.34 13.59 -8.50
CA THR A 164 -9.42 12.72 -9.68
C THR A 164 -9.33 11.27 -9.23
N VAL A 165 -10.33 10.47 -9.62
CA VAL A 165 -10.40 9.06 -9.27
C VAL A 165 -10.29 8.22 -10.53
N VAL A 166 -9.37 7.24 -10.52
CA VAL A 166 -9.21 6.32 -11.64
C VAL A 166 -9.75 4.97 -11.21
N VAL A 167 -10.49 4.32 -12.11
CA VAL A 167 -11.07 3.00 -11.88
C VAL A 167 -10.67 2.13 -13.07
N SER A 168 -9.84 1.12 -12.82
CA SER A 168 -9.55 0.13 -13.86
C SER A 168 -10.55 -1.02 -13.75
N GLY A 169 -10.93 -1.57 -14.90
CA GLY A 169 -12.02 -2.54 -14.92
C GLY A 169 -13.36 -1.87 -14.65
N ALA A 170 -13.60 -0.71 -15.26
CA ALA A 170 -14.69 0.16 -14.83
C ALA A 170 -16.05 -0.30 -15.34
N SER A 171 -16.10 -1.13 -16.38
CA SER A 171 -17.38 -1.47 -17.00
C SER A 171 -18.17 -2.53 -16.24
N GLY A 172 -17.55 -3.27 -15.32
CA GLY A 172 -18.29 -4.18 -14.46
C GLY A 172 -19.11 -3.46 -13.41
N MET A 173 -19.89 -4.25 -12.64
CA MET A 173 -20.75 -3.65 -11.62
C MET A 173 -19.94 -2.94 -10.55
N ILE A 174 -18.86 -3.57 -10.07
CA ILE A 174 -18.11 -2.99 -8.97
C ILE A 174 -17.48 -1.68 -9.42
N GLY A 175 -16.81 -1.69 -10.58
CA GLY A 175 -16.21 -0.49 -11.10
C GLY A 175 -17.22 0.62 -11.35
N THR A 176 -18.39 0.29 -11.92
CA THR A 176 -19.37 1.34 -12.20
C THR A 176 -19.96 1.89 -10.91
N LEU A 177 -20.14 1.04 -9.90
CA LEU A 177 -20.60 1.53 -8.60
C LEU A 177 -19.57 2.46 -7.97
N VAL A 178 -18.30 2.02 -7.94
CA VAL A 178 -17.26 2.88 -7.39
C VAL A 178 -17.22 4.21 -8.13
N GLY A 179 -17.33 4.15 -9.47
CA GLY A 179 -17.24 5.38 -10.24
C GLY A 179 -18.36 6.36 -9.93
N GLN A 180 -19.59 5.86 -9.85
CA GLN A 180 -20.73 6.73 -9.57
C GLN A 180 -20.70 7.26 -8.14
N MET A 181 -20.22 6.47 -7.18
CA MET A 181 -20.06 6.98 -5.82
C MET A 181 -18.99 8.07 -5.78
N ALA A 182 -17.89 7.86 -6.49
CA ALA A 182 -16.86 8.88 -6.57
C ALA A 182 -17.42 10.17 -7.16
N LYS A 183 -18.23 10.06 -8.21
CA LYS A 183 -18.84 11.24 -8.81
C LYS A 183 -19.76 11.95 -7.81
N ARG A 184 -20.59 11.19 -7.08
CA ARG A 184 -21.41 11.77 -6.02
C ARG A 184 -20.57 12.51 -5.00
N ALA A 185 -19.34 12.04 -4.75
CA ALA A 185 -18.45 12.69 -3.80
C ALA A 185 -17.73 13.89 -4.40
N GLY A 186 -18.00 14.23 -5.66
CA GLY A 186 -17.45 15.44 -6.27
C GLY A 186 -16.22 15.24 -7.12
N ALA A 187 -15.86 14.00 -7.42
CA ALA A 187 -14.61 13.68 -8.10
C ALA A 187 -14.76 13.77 -9.61
N ARG A 188 -13.63 14.06 -10.27
CA ARG A 188 -13.48 13.72 -11.67
C ARG A 188 -13.17 12.23 -11.77
N VAL A 189 -13.88 11.51 -12.63
CA VAL A 189 -13.81 10.06 -12.64
C VAL A 189 -13.33 9.58 -14.01
N VAL A 190 -12.25 8.80 -14.00
CA VAL A 190 -11.61 8.26 -15.20
C VAL A 190 -11.69 6.75 -15.12
N GLY A 191 -12.16 6.11 -16.19
CA GLY A 191 -12.28 4.68 -16.23
C GLY A 191 -11.52 4.09 -17.41
N THR A 192 -11.32 2.79 -17.36
CA THR A 192 -10.85 2.02 -18.52
C THR A 192 -11.98 1.14 -18.98
N ALA A 193 -12.09 0.92 -20.30
CA ALA A 193 -13.12 0.05 -20.84
C ALA A 193 -12.65 -0.56 -22.15
N GLY A 194 -13.39 -1.57 -22.61
CA GLY A 194 -12.97 -2.42 -23.70
C GLY A 194 -13.49 -2.07 -25.09
N SER A 195 -14.39 -1.11 -25.23
CA SER A 195 -14.92 -0.80 -26.56
C SER A 195 -15.56 0.58 -26.53
N ALA A 196 -15.68 1.17 -27.72
CA ALA A 196 -16.27 2.50 -27.81
C ALA A 196 -17.66 2.52 -27.17
N GLY A 197 -18.44 1.47 -27.38
CA GLY A 197 -19.79 1.44 -26.83
C GLY A 197 -19.79 1.37 -25.31
N LYS A 198 -18.89 0.58 -24.74
CA LYS A 198 -18.80 0.51 -23.27
C LYS A 198 -18.28 1.82 -22.70
N ALA A 199 -17.34 2.48 -23.40
CA ALA A 199 -16.91 3.81 -22.99
C ALA A 199 -18.08 4.78 -22.94
N ARG A 200 -18.95 4.76 -23.97
CA ARG A 200 -20.09 5.68 -23.98
C ARG A 200 -21.09 5.33 -22.89
N TYR A 201 -21.24 4.03 -22.59
CA TYR A 201 -22.06 3.62 -21.45
C TYR A 201 -21.53 4.23 -20.15
N LEU A 202 -20.21 4.14 -19.93
CA LEU A 202 -19.63 4.73 -18.72
C LEU A 202 -19.82 6.24 -18.69
N SER A 203 -19.73 6.88 -19.86
CA SER A 203 -19.96 8.32 -19.91
C SER A 203 -21.40 8.64 -19.52
N GLN A 204 -22.34 7.80 -19.96
CA GLN A 204 -23.74 8.01 -19.57
C GLN A 204 -23.92 7.91 -18.06
N LEU A 205 -23.14 7.06 -17.39
CA LEU A 205 -23.23 6.89 -15.95
C LEU A 205 -22.48 7.95 -15.16
N GLY A 206 -21.77 8.87 -15.81
CA GLY A 206 -21.08 9.95 -15.13
C GLY A 206 -19.57 9.95 -15.27
N PHE A 207 -18.95 8.90 -15.81
CA PHE A 207 -17.50 8.93 -15.99
C PHE A 207 -17.12 10.11 -16.88
N ASP A 208 -16.04 10.80 -16.50
CA ASP A 208 -15.63 12.00 -17.19
C ASP A 208 -14.70 11.71 -18.35
N ALA A 209 -13.98 10.58 -18.27
CA ALA A 209 -13.13 10.14 -19.36
C ALA A 209 -13.02 8.63 -19.27
N VAL A 210 -12.92 7.99 -20.42
CA VAL A 210 -12.74 6.55 -20.48
C VAL A 210 -11.57 6.27 -21.40
N ILE A 211 -10.66 5.41 -20.95
CA ILE A 211 -9.52 5.01 -21.77
C ILE A 211 -9.77 3.61 -22.31
N ASP A 212 -9.51 3.42 -23.60
CA ASP A 212 -9.57 2.11 -24.23
C ASP A 212 -8.32 1.33 -23.88
N TYR A 213 -8.44 0.32 -23.01
CA TYR A 213 -7.25 -0.44 -22.60
C TYR A 213 -6.77 -1.39 -23.69
N LYS A 214 -7.61 -1.73 -24.66
CA LYS A 214 -7.13 -2.56 -25.77
C LYS A 214 -6.20 -1.77 -26.68
N LEU A 215 -6.41 -0.48 -26.80
CA LEU A 215 -5.50 0.32 -27.57
C LEU A 215 -4.26 0.70 -26.74
N ALA A 216 -4.46 1.22 -25.55
CA ALA A 216 -3.34 1.58 -24.68
C ALA A 216 -2.81 0.33 -23.97
N ASP A 217 -2.24 -0.57 -24.78
CA ASP A 217 -1.89 -1.92 -24.37
C ASP A 217 -0.53 -2.04 -23.69
N ASP A 218 0.15 -0.93 -23.40
CA ASP A 218 1.37 -0.98 -22.61
C ASP A 218 1.41 0.23 -21.69
N ALA A 219 2.35 0.22 -20.75
CA ALA A 219 2.44 1.30 -19.76
C ALA A 219 2.69 2.65 -20.44
N ASP A 220 3.49 2.67 -21.50
CA ASP A 220 3.80 3.94 -22.17
C ASP A 220 2.53 4.58 -22.73
N LYS A 221 1.77 3.83 -23.49
CA LYS A 221 0.54 4.36 -24.04
C LYS A 221 -0.48 4.65 -22.96
N MET A 222 -0.48 3.82 -21.93
CA MET A 222 -1.40 4.06 -20.83
C MET A 222 -1.00 5.31 -20.06
N ARG A 223 0.30 5.47 -19.80
CA ARG A 223 0.80 6.70 -19.16
C ARG A 223 0.34 7.93 -19.93
N GLU A 224 0.46 7.89 -21.27
CA GLU A 224 0.06 9.03 -22.08
C GLU A 224 -1.46 9.24 -22.05
N ALA A 225 -2.23 8.15 -22.20
CA ALA A 225 -3.68 8.27 -22.09
C ALA A 225 -4.09 8.82 -20.73
N LEU A 226 -3.44 8.34 -19.66
CA LEU A 226 -3.77 8.82 -18.33
C LEU A 226 -3.42 10.28 -18.16
N ARG A 227 -2.22 10.67 -18.61
CA ARG A 227 -1.83 12.08 -18.53
C ARG A 227 -2.85 12.97 -19.21
N GLU A 228 -3.39 12.53 -20.35
CA GLU A 228 -4.39 13.36 -21.01
C GLU A 228 -5.68 13.41 -20.21
N ALA A 229 -6.13 12.26 -19.68
CA ALA A 229 -7.41 12.18 -18.99
C ALA A 229 -7.35 12.70 -17.56
N ALA A 230 -6.16 12.66 -16.94
CA ALA A 230 -5.96 13.10 -15.55
C ALA A 230 -4.80 14.09 -15.49
N PRO A 231 -4.97 15.25 -16.13
CA PRO A 231 -3.84 16.17 -16.17
C PRO A 231 -3.30 16.65 -14.82
N ASP A 232 -4.13 16.65 -13.79
CA ASP A 232 -3.68 17.08 -12.48
C ASP A 232 -3.26 15.92 -11.54
N GLY A 233 -3.03 14.76 -12.11
CA GLY A 233 -2.64 13.64 -11.31
C GLY A 233 -3.75 12.78 -10.78
N VAL A 234 -3.39 11.72 -10.12
CA VAL A 234 -4.37 10.75 -9.63
C VAL A 234 -4.44 10.81 -8.11
N ASP A 235 -5.63 11.08 -7.56
CA ASP A 235 -5.79 11.09 -6.11
C ASP A 235 -6.22 9.75 -5.54
N LYS A 236 -7.17 9.06 -6.20
CA LYS A 236 -7.61 7.75 -5.76
C LYS A 236 -7.59 6.80 -6.94
N TYR A 237 -7.28 5.53 -6.66
CA TYR A 237 -7.27 4.51 -7.68
C TYR A 237 -7.97 3.27 -7.14
N PHE A 238 -9.05 2.86 -7.79
CA PHE A 238 -9.71 1.60 -7.49
C PHE A 238 -9.27 0.61 -8.56
N ASP A 239 -8.47 -0.39 -8.17
CA ASP A 239 -7.74 -1.23 -9.13
C ASP A 239 -8.30 -2.65 -9.11
N SER A 240 -8.81 -3.12 -10.26
CA SER A 240 -9.15 -4.52 -10.46
C SER A 240 -8.29 -5.18 -11.52
N ILE A 241 -7.31 -4.49 -12.09
CA ILE A 241 -6.58 -4.97 -13.26
C ILE A 241 -5.12 -5.23 -12.94
N GLY A 242 -4.43 -4.30 -12.31
CA GLY A 242 -3.01 -4.52 -12.13
C GLY A 242 -2.27 -4.32 -13.45
N GLY A 243 -1.09 -4.92 -13.56
CA GLY A 243 -0.42 -4.83 -14.84
C GLY A 243 0.01 -3.43 -15.21
N SER A 244 0.06 -3.16 -16.53
CA SER A 244 0.67 -1.92 -17.01
C SER A 244 -0.24 -0.72 -16.75
N VAL A 245 -1.57 -0.91 -16.70
CA VAL A 245 -2.44 0.20 -16.31
C VAL A 245 -2.07 0.68 -14.91
N THR A 246 -1.82 -0.26 -13.99
CA THR A 246 -1.50 0.12 -12.63
C THR A 246 -0.09 0.71 -12.54
N ASP A 247 0.87 0.13 -13.27
CA ASP A 247 2.19 0.73 -13.41
C ASP A 247 2.08 2.21 -13.81
N ALA A 248 1.23 2.50 -14.80
CA ALA A 248 1.06 3.87 -15.27
C ALA A 248 0.50 4.77 -14.18
N VAL A 249 -0.54 4.31 -13.47
CA VAL A 249 -1.13 5.15 -12.43
C VAL A 249 -0.09 5.49 -11.37
N PHE A 250 0.74 4.52 -10.99
CA PHE A 250 1.67 4.75 -9.90
C PHE A 250 2.74 5.76 -10.26
N SER A 251 2.91 6.10 -11.53
CA SER A 251 3.84 7.15 -11.92
C SER A 251 3.27 8.54 -11.75
N MET A 252 2.01 8.67 -11.33
CA MET A 252 1.37 9.98 -11.29
C MET A 252 0.45 10.12 -10.09
N LEU A 253 0.82 9.46 -8.98
CA LEU A 253 0.05 9.56 -7.75
C LEU A 253 0.30 10.91 -7.08
N ASN A 254 -0.77 11.56 -6.64
CA ASN A 254 -0.68 12.81 -5.94
C ASN A 254 -0.40 12.58 -4.46
N VAL A 255 0.01 13.66 -3.78
CA VAL A 255 0.26 13.59 -2.35
C VAL A 255 -1.01 13.20 -1.61
N GLY A 256 -0.88 12.25 -0.67
CA GLY A 256 -2.01 11.78 0.08
C GLY A 256 -2.96 10.89 -0.68
N SER A 257 -2.51 10.28 -1.77
CA SER A 257 -3.41 9.48 -2.60
C SER A 257 -3.74 8.16 -1.91
N GLN A 258 -4.78 7.49 -2.41
CA GLN A 258 -5.19 6.17 -1.91
C GLN A 258 -5.44 5.20 -3.06
N VAL A 259 -4.98 3.97 -2.88
CA VAL A 259 -5.16 2.90 -3.86
C VAL A 259 -5.85 1.73 -3.18
N ALA A 260 -6.98 1.30 -3.73
CA ALA A 260 -7.66 0.11 -3.27
C ALA A 260 -7.43 -1.02 -4.28
N VAL A 261 -6.91 -2.14 -3.81
CA VAL A 261 -6.58 -3.27 -4.70
C VAL A 261 -7.69 -4.30 -4.53
N CYS A 262 -8.60 -4.32 -5.51
CA CYS A 262 -9.75 -5.21 -5.54
C CYS A 262 -9.50 -6.50 -6.31
N TRP A 263 -8.71 -6.45 -7.38
CA TRP A 263 -8.28 -7.65 -8.07
C TRP A 263 -7.06 -7.27 -8.90
N GLN A 264 -6.45 -8.29 -9.51
CA GLN A 264 -5.28 -8.09 -10.37
C GLN A 264 -5.45 -8.98 -11.61
N TRP A 265 -6.44 -8.63 -12.43
CA TRP A 265 -6.73 -9.39 -13.65
C TRP A 265 -5.47 -9.68 -14.47
N ALA A 266 -4.61 -8.67 -14.65
CA ALA A 266 -3.45 -8.85 -15.53
C ALA A 266 -2.51 -9.93 -15.03
N THR A 267 -2.43 -10.10 -13.70
CA THR A 267 -1.62 -11.16 -13.13
C THR A 267 -2.40 -12.49 -13.07
N GLN A 268 -3.61 -12.47 -12.48
CA GLN A 268 -4.32 -13.73 -12.26
C GLN A 268 -4.72 -14.38 -13.59
N VAL A 269 -5.23 -13.60 -14.53
CA VAL A 269 -5.72 -14.14 -15.79
C VAL A 269 -4.64 -14.15 -16.86
N GLN A 270 -3.94 -13.03 -17.03
CA GLN A 270 -2.96 -12.89 -18.12
C GLN A 270 -1.55 -13.29 -17.69
N ARG A 271 -1.35 -13.72 -16.45
CA ARG A 271 -0.07 -14.30 -16.01
C ARG A 271 1.08 -13.32 -16.13
N ASP A 272 0.79 -12.04 -15.90
CA ASP A 272 1.77 -10.97 -15.87
C ASP A 272 2.31 -10.87 -14.46
N TYR A 273 3.34 -11.67 -14.14
CA TYR A 273 3.79 -11.79 -12.75
C TYR A 273 4.90 -10.83 -12.35
N HIS A 274 5.61 -10.24 -13.31
CA HIS A 274 6.77 -9.40 -13.01
C HIS A 274 6.64 -8.06 -13.71
N GLY A 275 7.20 -7.04 -13.09
CA GLY A 275 7.11 -5.70 -13.61
C GLY A 275 7.91 -4.72 -12.77
N PRO A 276 7.87 -3.45 -13.15
CA PRO A 276 8.60 -2.44 -12.37
C PRO A 276 8.14 -2.46 -10.92
N ARG A 277 9.10 -2.30 -10.01
CA ARG A 277 8.76 -2.24 -8.60
C ARG A 277 8.01 -0.93 -8.31
N LEU A 278 6.90 -1.03 -7.59
CA LEU A 278 5.99 0.08 -7.40
C LEU A 278 6.22 0.85 -6.12
N LEU A 279 6.67 0.17 -5.05
CA LEU A 279 6.90 0.87 -3.79
C LEU A 279 7.87 2.04 -3.89
N PRO A 280 8.85 2.07 -4.80
CA PRO A 280 9.71 3.26 -4.92
C PRO A 280 8.94 4.53 -5.28
N TYR A 281 7.68 4.42 -5.70
CA TYR A 281 6.92 5.56 -6.18
C TYR A 281 5.93 6.09 -5.15
N ILE A 282 5.81 5.48 -3.96
CA ILE A 282 4.76 5.87 -3.04
C ILE A 282 5.28 6.69 -1.86
N MET A 283 6.56 6.99 -1.80
CA MET A 283 7.11 7.63 -0.62
C MET A 283 6.83 9.13 -0.57
N PHE A 284 7.30 9.88 -1.57
CA PHE A 284 6.95 11.31 -1.57
C PHE A 284 5.43 11.51 -1.60
N PRO A 285 4.67 10.79 -2.40
CA PRO A 285 3.21 10.99 -2.40
C PRO A 285 2.56 10.62 -1.08
N ARG A 286 3.27 9.92 -0.19
CA ARG A 286 2.66 9.38 1.02
C ARG A 286 1.36 8.64 0.69
N ALA A 287 1.42 7.79 -0.34
CA ALA A 287 0.25 7.05 -0.78
C ALA A 287 -0.08 5.92 0.17
N THR A 288 -1.37 5.61 0.31
CA THR A 288 -1.85 4.49 1.10
C THR A 288 -2.47 3.48 0.17
N ILE A 289 -1.97 2.24 0.21
CA ILE A 289 -2.45 1.14 -0.59
C ILE A 289 -3.06 0.12 0.35
N ARG A 290 -4.28 -0.28 0.07
CA ARG A 290 -5.00 -1.24 0.89
C ARG A 290 -5.59 -2.38 0.09
N GLY A 291 -5.28 -3.61 0.47
CA GLY A 291 -5.89 -4.76 -0.18
C GLY A 291 -7.34 -4.91 0.28
N ILE A 292 -8.21 -5.25 -0.66
CA ILE A 292 -9.62 -5.43 -0.40
C ILE A 292 -9.94 -6.91 -0.34
N PHE A 293 -10.63 -7.33 0.71
CA PHE A 293 -11.19 -8.70 0.77
C PHE A 293 -12.54 -8.51 1.44
N SER A 294 -13.57 -8.27 0.64
CA SER A 294 -14.79 -7.68 1.22
C SER A 294 -15.54 -8.65 2.13
N LEU A 295 -15.14 -9.93 2.20
CA LEU A 295 -15.74 -10.83 3.18
C LEU A 295 -15.68 -10.28 4.60
N GLU A 296 -14.64 -9.50 4.92
CA GLU A 296 -14.52 -8.98 6.28
C GLU A 296 -15.65 -8.03 6.63
N TRP A 297 -16.38 -7.53 5.63
CA TRP A 297 -17.47 -6.60 5.86
C TRP A 297 -18.84 -7.28 5.90
N PHE A 298 -18.88 -8.62 5.87
CA PHE A 298 -20.16 -9.34 5.82
C PHE A 298 -20.68 -9.46 7.24
N THR A 299 -21.30 -8.39 7.73
CA THR A 299 -21.90 -8.35 9.04
C THR A 299 -23.32 -7.84 8.91
N GLU A 300 -24.14 -8.18 9.90
CA GLU A 300 -25.53 -7.75 9.87
C GLU A 300 -25.64 -6.23 9.80
N GLN A 301 -24.80 -5.54 10.54
CA GLN A 301 -24.84 -4.10 10.51
C GLN A 301 -24.50 -3.54 9.12
N ASN A 302 -23.51 -4.13 8.48
CA ASN A 302 -23.12 -3.61 7.17
C ASN A 302 -24.19 -3.89 6.12
N TRP A 303 -24.80 -5.08 6.15
CA TRP A 303 -25.88 -5.39 5.20
C TRP A 303 -27.04 -4.42 5.36
N SER A 304 -27.39 -4.06 6.60
CA SER A 304 -28.47 -3.10 6.82
C SER A 304 -28.10 -1.72 6.31
N ALA A 305 -26.87 -1.28 6.60
CA ALA A 305 -26.44 0.02 6.09
C ALA A 305 -26.35 0.01 4.57
N LEU A 306 -25.94 -1.12 3.98
CA LEU A 306 -25.87 -1.21 2.53
C LEU A 306 -27.25 -1.06 1.91
N HIS A 307 -28.24 -1.79 2.44
CA HIS A 307 -29.60 -1.68 1.93
C HIS A 307 -30.14 -0.27 2.11
N GLU A 308 -29.89 0.35 3.27
CA GLU A 308 -30.40 1.70 3.48
C GLU A 308 -29.72 2.68 2.55
N GLU A 309 -28.39 2.65 2.51
CA GLU A 309 -27.64 3.66 1.79
C GLU A 309 -27.65 3.41 0.28
N LEU A 310 -27.09 2.28 -0.16
CA LEU A 310 -26.99 2.03 -1.60
C LEU A 310 -28.37 1.69 -2.20
N GLY A 311 -29.16 0.89 -1.48
CA GLY A 311 -30.51 0.59 -1.96
C GLY A 311 -31.35 1.84 -2.19
N GLY A 312 -31.25 2.81 -1.29
CA GLY A 312 -31.95 4.07 -1.48
C GLY A 312 -31.52 4.80 -2.75
N LEU A 313 -30.20 4.89 -2.97
CA LEU A 313 -29.71 5.57 -4.18
C LEU A 313 -30.21 4.88 -5.44
N VAL A 314 -30.24 3.54 -5.44
CA VAL A 314 -30.73 2.83 -6.62
C VAL A 314 -32.22 3.06 -6.80
N ARG A 315 -32.98 2.97 -5.71
CA ARG A 315 -34.43 3.15 -5.79
C ARG A 315 -34.77 4.57 -6.21
N ARG A 316 -34.11 5.56 -5.61
CA ARG A 316 -34.32 6.95 -6.02
C ARG A 316 -33.74 7.23 -7.40
N GLN A 317 -33.10 6.25 -8.02
CA GLN A 317 -32.57 6.35 -9.38
C GLN A 317 -31.38 7.31 -9.48
N GLU A 318 -30.75 7.65 -8.36
CA GLU A 318 -29.55 8.45 -8.38
C GLU A 318 -28.32 7.62 -8.72
N LEU A 319 -28.46 6.31 -8.80
CA LEU A 319 -27.34 5.42 -9.00
C LEU A 319 -27.84 4.20 -9.75
N VAL A 320 -27.08 3.78 -10.75
CA VAL A 320 -27.53 2.80 -11.73
C VAL A 320 -26.79 1.50 -11.49
N ALA A 321 -27.53 0.42 -11.27
CA ALA A 321 -26.98 -0.89 -10.98
C ALA A 321 -27.61 -1.89 -11.97
N HIS A 322 -26.87 -2.23 -13.01
CA HIS A 322 -27.42 -3.07 -14.06
C HIS A 322 -27.08 -4.54 -13.82
N GLU A 323 -27.98 -5.41 -14.27
CA GLU A 323 -27.69 -6.84 -14.22
C GLU A 323 -28.13 -7.47 -15.54
N THR A 324 -27.42 -8.53 -15.91
CA THR A 324 -27.66 -9.31 -17.11
C THR A 324 -28.01 -10.73 -16.65
N VAL A 325 -29.30 -11.06 -16.65
CA VAL A 325 -29.80 -12.32 -16.07
C VAL A 325 -30.07 -13.29 -17.21
N GLN A 326 -29.19 -14.27 -17.36
CA GLN A 326 -29.38 -15.38 -18.29
C GLN A 326 -30.24 -16.48 -17.64
N ASP A 327 -31.10 -17.11 -18.44
CA ASP A 327 -31.99 -18.16 -17.95
C ASP A 327 -31.43 -19.54 -18.25
N GLY A 328 -31.52 -20.45 -17.28
CA GLY A 328 -31.27 -21.85 -17.55
C GLY A 328 -30.00 -22.43 -16.97
N PHE A 329 -30.14 -23.43 -16.09
CA PHE A 329 -28.99 -24.05 -15.45
C PHE A 329 -27.97 -24.53 -16.47
N GLU A 330 -28.45 -25.03 -17.60
CA GLU A 330 -27.55 -25.57 -18.61
C GLU A 330 -26.64 -24.50 -19.22
N HIS A 331 -26.99 -23.22 -19.08
CA HIS A 331 -26.24 -22.14 -19.71
C HIS A 331 -25.30 -21.39 -18.75
N ILE A 332 -25.04 -21.94 -17.56
CA ILE A 332 -24.14 -21.27 -16.62
C ILE A 332 -22.74 -21.13 -17.19
N PRO A 333 -22.11 -22.18 -17.71
CA PRO A 333 -20.76 -22.00 -18.29
C PRO A 333 -20.71 -20.99 -19.44
N ALA A 334 -21.73 -20.95 -20.29
CA ALA A 334 -21.75 -19.97 -21.37
C ALA A 334 -21.83 -18.55 -20.82
N ALA A 335 -22.67 -18.32 -19.82
CA ALA A 335 -22.75 -17.00 -19.21
C ALA A 335 -21.40 -16.61 -18.63
N TYR A 336 -20.77 -17.52 -17.89
CA TYR A 336 -19.45 -17.28 -17.33
C TYR A 336 -18.46 -16.91 -18.43
N GLN A 337 -18.57 -17.56 -19.59
CA GLN A 337 -17.62 -17.33 -20.67
C GLN A 337 -17.70 -15.91 -21.18
N THR A 338 -18.89 -15.29 -21.15
CA THR A 338 -19.02 -13.93 -21.66
C THR A 338 -18.19 -12.94 -20.86
N LEU A 339 -17.81 -13.27 -19.63
CA LEU A 339 -16.98 -12.35 -18.84
C LEU A 339 -15.61 -12.16 -19.48
N PHE A 340 -15.10 -13.16 -20.19
CA PHE A 340 -13.73 -13.15 -20.66
C PHE A 340 -13.58 -12.89 -22.15
N SER A 341 -14.58 -13.28 -22.93
CA SER A 341 -14.43 -13.35 -24.38
C SER A 341 -15.50 -12.58 -25.14
N ALA A 342 -16.62 -12.23 -24.52
CA ALA A 342 -17.68 -11.53 -25.21
C ALA A 342 -18.52 -10.75 -24.21
N SER A 343 -17.95 -9.68 -23.65
CA SER A 343 -18.63 -8.87 -22.64
C SER A 343 -19.35 -7.66 -23.22
N GLU A 344 -19.31 -7.47 -24.53
CA GLU A 344 -19.91 -6.30 -25.14
C GLU A 344 -21.35 -6.08 -24.74
N SER A 345 -22.14 -7.15 -24.70
CA SER A 345 -23.52 -7.05 -24.32
C SER A 345 -23.73 -7.15 -22.82
N ASN A 346 -22.72 -7.58 -22.06
CA ASN A 346 -22.84 -7.66 -20.61
C ASN A 346 -22.91 -6.26 -20.02
N ARG A 347 -24.03 -5.95 -19.39
CA ARG A 347 -24.18 -4.75 -18.59
C ARG A 347 -24.17 -5.16 -17.13
N GLY A 348 -23.15 -4.70 -16.40
CA GLY A 348 -23.16 -4.89 -14.96
C GLY A 348 -22.97 -6.33 -14.57
N LYS A 349 -23.76 -6.77 -13.59
CA LYS A 349 -23.60 -8.08 -12.98
C LYS A 349 -24.23 -9.17 -13.84
N VAL A 350 -23.44 -10.18 -14.18
CA VAL A 350 -23.93 -11.34 -14.92
C VAL A 350 -24.32 -12.43 -13.93
N LEU A 351 -25.54 -12.96 -14.07
CA LEU A 351 -25.97 -14.06 -13.23
C LEU A 351 -26.94 -14.92 -14.03
N VAL A 352 -27.29 -16.09 -13.47
CA VAL A 352 -28.14 -17.05 -14.16
C VAL A 352 -29.35 -17.33 -13.27
N ARG A 353 -30.55 -17.17 -13.84
CA ARG A 353 -31.78 -17.57 -13.19
C ARG A 353 -32.06 -19.03 -13.54
N VAL A 354 -32.06 -19.90 -12.53
CA VAL A 354 -32.28 -21.33 -12.72
C VAL A 354 -33.77 -21.63 -12.76
N LEU B 1 29.48 45.69 3.25
CA LEU B 1 29.88 45.59 4.60
C LEU B 1 31.02 44.57 4.63
N GLY B 2 31.05 43.64 3.68
CA GLY B 2 32.14 42.69 3.59
C GLY B 2 31.98 41.30 2.97
N SER B 3 33.00 40.48 3.13
CA SER B 3 32.92 39.10 2.64
C SER B 3 33.71 38.21 3.59
N MET B 4 33.50 36.91 3.43
CA MET B 4 34.33 35.96 4.15
C MET B 4 34.57 34.74 3.27
N LYS B 5 35.78 34.20 3.37
CA LYS B 5 36.09 32.95 2.71
C LYS B 5 35.39 31.80 3.43
N THR B 6 34.87 30.86 2.62
CA THR B 6 34.19 29.67 3.11
C THR B 6 34.65 28.48 2.28
N GLU B 7 34.29 27.28 2.73
CA GLU B 7 34.51 26.08 1.95
C GLU B 7 33.19 25.37 1.75
N ARG B 8 33.07 24.73 0.59
CA ARG B 8 31.88 24.01 0.19
C ARG B 8 32.31 22.72 -0.48
N TRP B 9 31.51 21.69 -0.30
CA TRP B 9 31.61 20.48 -1.10
C TRP B 9 30.57 20.59 -2.21
N VAL B 10 31.03 20.63 -3.45
CA VAL B 10 30.14 20.78 -4.59
C VAL B 10 30.09 19.48 -5.36
N VAL B 11 29.06 19.33 -6.16
CA VAL B 11 28.85 18.12 -6.96
C VAL B 11 29.63 18.28 -8.26
N ARG B 12 30.70 17.52 -8.38
CA ARG B 12 31.58 17.60 -9.53
C ARG B 12 31.17 16.65 -10.64
N GLU B 13 30.55 15.51 -10.30
CA GLU B 13 30.17 14.55 -11.33
C GLU B 13 29.04 13.67 -10.82
N HIS B 14 28.07 13.35 -11.68
CA HIS B 14 27.00 12.43 -11.34
C HIS B 14 27.45 11.01 -11.64
N VAL B 15 27.39 10.14 -10.63
CA VAL B 15 27.77 8.73 -10.73
C VAL B 15 26.61 7.91 -10.18
N GLU B 16 25.96 7.11 -11.03
CA GLU B 16 24.83 6.30 -10.63
C GLU B 16 25.27 5.19 -9.66
N GLY B 17 24.28 4.60 -8.98
CA GLY B 17 24.55 3.44 -8.13
C GLY B 17 25.16 3.79 -6.78
N VAL B 18 26.02 2.88 -6.30
CA VAL B 18 26.73 3.14 -5.04
C VAL B 18 27.64 4.35 -5.22
N PRO B 19 27.57 5.37 -4.38
CA PRO B 19 28.39 6.57 -4.59
C PRO B 19 29.88 6.26 -4.51
N ASP B 20 30.65 6.91 -5.37
CA ASP B 20 32.11 7.01 -5.25
C ASP B 20 32.36 8.45 -4.83
N ALA B 21 32.36 8.69 -3.52
CA ALA B 21 32.30 10.05 -3.00
C ALA B 21 33.54 10.85 -3.36
N ALA B 22 34.71 10.20 -3.50
CA ALA B 22 35.92 10.92 -3.88
C ALA B 22 35.85 11.44 -5.31
N ARG B 23 35.11 10.76 -6.17
CA ARG B 23 34.90 11.21 -7.53
C ARG B 23 33.74 12.19 -7.67
N ILE B 24 32.68 11.99 -6.88
CA ILE B 24 31.47 12.79 -7.03
C ILE B 24 31.67 14.23 -6.53
N TYR B 25 32.37 14.41 -5.41
CA TYR B 25 32.39 15.68 -4.70
C TYR B 25 33.78 16.33 -4.78
N GLU B 26 33.79 17.66 -4.78
CA GLU B 26 35.01 18.46 -4.81
C GLU B 26 34.88 19.56 -3.77
N LYS B 27 35.94 19.77 -2.96
CA LYS B 27 35.96 20.82 -1.97
C LYS B 27 36.52 22.10 -2.60
N VAL B 28 35.78 23.19 -2.52
CA VAL B 28 36.21 24.46 -3.10
C VAL B 28 36.15 25.54 -2.04
N GLU B 29 37.03 26.53 -2.18
CA GLU B 29 36.95 27.73 -1.36
C GLU B 29 36.03 28.72 -2.08
N THR B 30 35.11 29.31 -1.32
CA THR B 30 34.10 30.19 -1.89
C THR B 30 34.09 31.49 -1.09
N GLU B 31 34.31 32.59 -1.79
CA GLU B 31 34.17 33.91 -1.18
C GLU B 31 32.69 34.26 -1.12
N LEU B 32 32.21 34.54 0.08
CA LEU B 32 30.80 34.73 0.35
C LEU B 32 30.56 36.18 0.74
N ASN B 33 29.70 36.88 -0.01
CA ASN B 33 29.34 38.24 0.34
C ASN B 33 28.48 38.20 1.59
N THR B 34 28.85 38.99 2.60
CA THR B 34 28.17 38.97 3.89
C THR B 34 27.27 40.19 4.13
N ARG B 35 27.04 41.01 3.11
CA ARG B 35 26.03 42.06 3.24
C ARG B 35 24.66 41.41 3.21
N LEU B 36 23.88 41.60 4.27
CA LEU B 36 22.68 40.80 4.46
C LEU B 36 21.44 41.56 4.00
N GLY B 37 20.58 40.84 3.29
CA GLY B 37 19.23 41.32 3.06
C GLY B 37 18.46 41.43 4.36
N GLU B 38 17.36 42.14 4.33
CA GLU B 38 16.58 42.40 5.55
C GLU B 38 16.15 41.18 6.32
N GLU B 39 15.80 40.12 5.62
CA GLU B 39 15.40 38.90 6.29
C GLU B 39 16.49 37.84 6.27
N GLN B 40 17.69 38.19 5.82
CA GLN B 40 18.75 37.21 5.66
C GLN B 40 19.62 37.09 6.91
N MET B 41 20.15 35.89 7.10
CA MET B 41 21.10 35.58 8.16
C MET B 41 22.38 35.04 7.55
N LEU B 42 23.51 35.33 8.20
CA LEU B 42 24.76 34.63 7.96
C LEU B 42 24.85 33.51 8.99
N LEU B 43 25.17 32.30 8.53
CA LEU B 43 25.16 31.16 9.42
C LEU B 43 26.47 30.38 9.30
N LYS B 44 26.94 29.90 10.45
CA LYS B 44 28.09 29.02 10.55
C LYS B 44 27.62 27.60 10.85
N THR B 45 28.09 26.64 10.06
CA THR B 45 27.69 25.25 10.23
C THR B 45 28.45 24.61 11.40
N LEU B 46 27.72 23.94 12.28
CA LEU B 46 28.33 23.25 13.41
C LEU B 46 28.39 21.74 13.20
N TYR B 47 27.30 21.15 12.70
CA TYR B 47 27.23 19.73 12.38
C TYR B 47 26.49 19.56 11.06
N VAL B 48 26.87 18.54 10.30
CA VAL B 48 26.11 18.11 9.13
C VAL B 48 25.79 16.63 9.31
N SER B 49 24.68 16.22 8.70
CA SER B 49 24.32 14.82 8.58
C SER B 49 24.80 14.27 7.22
N VAL B 50 25.09 12.99 7.20
CA VAL B 50 25.21 12.23 5.96
C VAL B 50 24.20 11.11 6.02
N ASP B 51 23.54 10.83 4.90
CA ASP B 51 22.41 9.90 4.88
C ASP B 51 22.31 9.28 3.51
N PRO B 52 21.79 8.06 3.42
CA PRO B 52 21.62 7.43 2.10
C PRO B 52 20.72 8.24 1.17
N TYR B 53 19.70 8.94 1.69
CA TYR B 53 18.82 9.66 0.77
C TYR B 53 19.54 10.81 0.05
N LEU B 54 20.75 11.18 0.47
CA LEU B 54 21.51 12.17 -0.29
C LEU B 54 21.95 11.64 -1.65
N GLN B 55 22.02 10.32 -1.81
CA GLN B 55 22.50 9.74 -3.07
C GLN B 55 21.65 10.21 -4.24
N GLY B 56 20.31 10.20 -4.09
CA GLY B 56 19.42 10.69 -5.14
C GLY B 56 19.30 12.20 -5.20
N ILE B 57 19.38 12.89 -4.07
CA ILE B 57 19.44 14.35 -4.11
C ILE B 57 20.65 14.78 -4.93
N CYS B 58 21.78 14.14 -4.68
CA CYS B 58 23.01 14.44 -5.42
C CYS B 58 22.78 14.33 -6.93
N LEU B 59 22.19 13.21 -7.37
CA LEU B 59 21.94 12.99 -8.79
C LEU B 59 21.02 14.06 -9.38
N ASP B 60 20.15 14.67 -8.55
CA ASP B 60 19.31 15.77 -9.02
C ASP B 60 19.93 17.14 -8.80
N THR B 61 21.16 17.22 -8.30
CA THR B 61 21.83 18.49 -8.05
C THR B 61 22.63 18.92 -9.27
N PRO B 62 22.42 20.13 -9.80
CA PRO B 62 23.19 20.56 -10.98
C PRO B 62 24.69 20.56 -10.68
N ILE B 63 25.48 20.10 -11.67
CA ILE B 63 26.94 20.12 -11.53
C ILE B 63 27.40 21.51 -11.09
N GLY B 64 28.29 21.56 -10.09
CA GLY B 64 28.80 22.82 -9.57
C GLY B 64 28.07 23.36 -8.37
N ASP B 65 26.85 22.91 -8.09
CA ASP B 65 26.12 23.31 -6.90
C ASP B 65 26.62 22.56 -5.68
N HIS B 66 26.48 23.18 -4.50
CA HIS B 66 26.87 22.54 -3.25
C HIS B 66 25.93 21.38 -2.93
N MET B 67 26.43 20.41 -2.15
CA MET B 67 25.63 19.26 -1.76
C MET B 67 24.73 19.65 -0.60
N GLY B 68 23.41 19.53 -0.81
CA GLY B 68 22.48 19.74 0.27
C GLY B 68 22.60 18.68 1.35
N ALA B 69 22.20 19.04 2.56
CA ALA B 69 22.23 18.11 3.69
C ALA B 69 21.59 18.77 4.90
N ASP B 70 21.02 17.95 5.78
CA ASP B 70 20.53 18.45 7.06
C ASP B 70 21.71 18.91 7.91
N SER B 71 21.54 20.04 8.61
CA SER B 71 22.67 20.57 9.38
C SER B 71 22.17 21.34 10.60
N ILE B 72 23.09 21.53 11.55
CA ILE B 72 22.92 22.43 12.69
C ILE B 72 23.81 23.64 12.47
N MET B 73 23.23 24.84 12.60
CA MET B 73 23.90 26.07 12.25
C MET B 73 23.75 27.10 13.35
N GLN B 74 24.71 28.03 13.41
CA GLN B 74 24.68 29.12 14.36
C GLN B 74 24.58 30.44 13.62
N VAL B 75 23.64 31.29 14.03
CA VAL B 75 23.47 32.58 13.39
C VAL B 75 24.63 33.48 13.79
N LEU B 76 25.43 33.90 12.79
CA LEU B 76 26.52 34.82 13.06
C LEU B 76 26.06 36.26 12.99
N ASP B 77 25.20 36.57 12.03
CA ASP B 77 24.70 37.92 11.83
C ASP B 77 23.32 37.78 11.23
N ALA B 78 22.51 38.83 11.35
CA ALA B 78 21.13 38.75 10.90
C ALA B 78 20.63 40.13 10.54
N GLY B 79 19.90 40.22 9.44
CA GLY B 79 19.23 41.45 9.07
C GLY B 79 18.13 41.78 10.05
N PRO B 80 17.64 43.02 10.03
CA PRO B 80 16.69 43.42 11.07
C PRO B 80 15.40 42.61 11.11
N ASN B 81 14.93 42.12 9.95
CA ASN B 81 13.71 41.32 9.90
C ASN B 81 14.00 39.82 9.77
N ALA B 82 15.14 39.36 10.29
CA ALA B 82 15.47 37.95 10.16
C ALA B 82 14.67 37.10 11.15
N PRO B 83 14.33 35.87 10.77
CA PRO B 83 13.58 35.01 11.71
C PRO B 83 14.34 34.67 12.97
N PHE B 84 15.67 34.85 12.98
CA PHE B 84 16.47 34.45 14.13
C PHE B 84 17.55 35.50 14.38
N ARG B 85 18.07 35.49 15.59
CA ARG B 85 19.03 36.52 16.00
C ARG B 85 20.43 35.94 16.16
N PRO B 86 21.45 36.79 16.11
CA PRO B 86 22.81 36.32 16.34
C PRO B 86 22.94 35.50 17.61
N GLY B 87 23.70 34.42 17.52
CA GLY B 87 23.85 33.47 18.59
C GLY B 87 22.82 32.37 18.61
N ASP B 88 21.70 32.51 17.90
CA ASP B 88 20.71 31.45 17.86
C ASP B 88 21.27 30.22 17.15
N LEU B 89 20.86 29.04 17.62
CA LEU B 89 21.17 27.77 16.98
C LEU B 89 19.92 27.27 16.25
N VAL B 90 20.11 26.77 15.03
CA VAL B 90 18.99 26.35 14.20
C VAL B 90 19.33 25.07 13.44
N GLN B 91 18.30 24.29 13.14
CA GLN B 91 18.42 23.12 12.28
C GLN B 91 17.71 23.40 10.96
N GLY B 92 18.30 22.92 9.88
CA GLY B 92 17.74 23.15 8.55
C GLY B 92 18.67 22.55 7.53
N PHE B 93 18.24 22.62 6.27
CA PHE B 93 18.96 21.97 5.17
C PHE B 93 20.06 22.87 4.64
N GLY B 94 21.04 23.13 5.51
CA GLY B 94 22.12 24.04 5.16
C GLY B 94 23.16 23.48 4.23
N GLY B 95 23.30 22.15 4.17
CA GLY B 95 24.24 21.52 3.26
C GLY B 95 25.68 21.48 3.75
N TRP B 96 26.53 20.89 2.90
CA TRP B 96 27.96 20.69 3.16
C TRP B 96 28.72 21.97 2.78
N ARG B 97 28.57 22.98 3.63
CA ARG B 97 29.26 24.26 3.50
C ARG B 97 29.68 24.70 4.89
N THR B 98 30.83 25.39 4.99
CA THR B 98 31.24 25.89 6.31
C THR B 98 30.35 27.05 6.75
N HIS B 99 29.93 27.88 5.81
CA HIS B 99 29.11 29.06 6.09
C HIS B 99 28.18 29.28 4.91
N LEU B 100 27.08 29.99 5.17
CA LEU B 100 26.08 30.25 4.15
C LEU B 100 25.24 31.45 4.56
N VAL B 101 24.59 32.06 3.57
CA VAL B 101 23.62 33.13 3.79
C VAL B 101 22.24 32.61 3.40
N SER B 102 21.25 32.82 4.25
CA SER B 102 19.91 32.35 3.95
C SER B 102 18.90 33.15 4.76
N ASP B 103 17.67 33.22 4.25
CA ASP B 103 16.56 33.77 5.01
C ASP B 103 15.84 32.69 5.81
N GLY B 104 16.25 31.44 5.68
CA GLY B 104 15.65 30.36 6.43
C GLY B 104 14.19 30.04 6.12
N LYS B 105 13.66 30.57 5.02
CA LYS B 105 12.28 30.25 4.62
C LYS B 105 12.22 28.90 3.92
N PRO B 106 11.03 28.30 3.82
CA PRO B 106 10.89 27.07 3.02
C PRO B 106 11.36 27.32 1.60
N LYS B 107 11.98 26.30 0.99
CA LYS B 107 12.57 26.45 -0.34
C LYS B 107 12.20 25.25 -1.19
N LEU B 108 11.56 25.51 -2.32
CA LEU B 108 11.27 24.45 -3.28
C LEU B 108 12.57 23.86 -3.85
N TRP B 109 12.64 22.53 -3.91
CA TRP B 109 13.78 21.83 -4.50
C TRP B 109 13.52 21.76 -6.00
N GLN B 110 14.06 22.76 -6.72
CA GLN B 110 13.61 23.02 -8.07
C GLN B 110 14.04 21.95 -9.07
N THR B 111 15.12 21.23 -8.80
CA THR B 111 15.58 20.21 -9.74
C THR B 111 15.24 18.79 -9.28
N GLY B 112 14.35 18.64 -8.30
CA GLY B 112 14.11 17.33 -7.72
C GLY B 112 13.25 16.42 -8.58
N THR B 113 13.49 15.12 -8.43
CA THR B 113 12.57 14.13 -9.01
C THR B 113 11.14 14.41 -8.58
N PHE B 114 10.97 14.74 -7.31
CA PHE B 114 9.72 15.11 -6.68
C PHE B 114 9.82 16.56 -6.22
N PRO B 115 8.73 17.33 -6.32
CA PRO B 115 8.76 18.76 -5.94
C PRO B 115 8.72 18.96 -4.43
N MET B 116 9.68 18.39 -3.72
CA MET B 116 9.66 18.57 -2.28
C MET B 116 10.08 19.99 -1.93
N VAL B 117 9.54 20.50 -0.82
CA VAL B 117 9.90 21.80 -0.28
C VAL B 117 10.69 21.59 1.00
N PHE B 118 11.92 22.11 1.04
CA PHE B 118 12.68 22.05 2.28
C PHE B 118 12.04 22.96 3.32
N PRO B 119 11.95 22.54 4.58
CA PRO B 119 11.19 23.31 5.57
C PRO B 119 11.93 24.58 5.99
N ALA B 120 11.18 25.45 6.66
CA ALA B 120 11.80 26.60 7.29
C ALA B 120 12.78 26.12 8.36
N TYR B 121 13.82 26.91 8.59
CA TYR B 121 14.77 26.60 9.65
C TYR B 121 14.05 26.53 10.99
N ARG B 122 14.53 25.64 11.86
CA ARG B 122 13.92 25.35 13.14
C ARG B 122 14.83 25.85 14.26
N LYS B 123 14.31 26.72 15.12
CA LYS B 123 15.14 27.20 16.23
C LYS B 123 15.29 26.11 17.28
N LEU B 124 16.52 25.94 17.74
CA LEU B 124 16.84 25.02 18.82
C LEU B 124 17.04 25.81 20.11
N ASP B 125 16.71 25.19 21.23
CA ASP B 125 16.91 25.83 22.53
C ASP B 125 17.86 24.96 23.33
N LEU B 126 19.01 25.53 23.70
CA LEU B 126 20.02 24.75 24.39
C LEU B 126 19.47 24.08 25.64
N ARG B 127 18.44 24.67 26.24
CA ARG B 127 17.93 24.16 27.51
C ARG B 127 17.30 22.78 27.40
N HIS B 128 17.09 22.24 26.20
CA HIS B 128 16.60 20.87 26.06
C HIS B 128 17.71 19.85 25.94
N TYR B 129 18.97 20.29 25.96
CA TYR B 129 20.10 19.42 25.65
C TYR B 129 21.05 19.32 26.83
N ASP B 130 21.48 18.10 27.11
CA ASP B 130 22.48 17.79 28.12
C ASP B 130 23.42 16.74 27.55
N ASP B 131 24.33 16.24 28.37
CA ASP B 131 25.25 15.22 27.90
C ASP B 131 24.52 13.93 27.51
N ALA B 132 23.34 13.69 28.09
CA ALA B 132 22.55 12.51 27.73
C ALA B 132 21.83 12.70 26.41
N LEU B 133 21.45 13.94 26.10
CA LEU B 133 20.73 14.28 24.89
C LEU B 133 21.42 15.51 24.30
N PRO B 134 22.59 15.34 23.70
CA PRO B 134 23.39 16.49 23.29
C PRO B 134 22.77 17.21 22.09
N LEU B 135 23.27 18.43 21.86
CA LEU B 135 22.77 19.26 20.77
C LEU B 135 22.73 18.49 19.45
N SER B 136 23.74 17.66 19.21
CA SER B 136 23.81 16.89 17.96
C SER B 136 22.56 16.04 17.73
N THR B 137 21.79 15.73 18.77
CA THR B 137 20.58 14.95 18.60
C THR B 137 19.53 15.69 17.77
N ALA B 138 19.69 17.00 17.54
CA ALA B 138 18.80 17.71 16.64
C ALA B 138 18.93 17.25 15.19
N LEU B 139 19.93 16.41 14.87
CA LEU B 139 20.06 15.76 13.57
C LEU B 139 19.78 14.27 13.63
N GLY B 140 19.48 13.74 14.81
CA GLY B 140 19.18 12.34 14.97
C GLY B 140 17.88 12.10 15.72
N VAL B 141 17.97 11.54 16.94
CA VAL B 141 16.75 11.11 17.62
C VAL B 141 15.82 12.28 17.92
N MET B 142 16.38 13.48 18.12
CA MET B 142 15.58 14.69 18.26
C MET B 142 15.51 15.48 16.95
N GLY B 143 15.71 14.82 15.81
CA GLY B 143 15.65 15.49 14.54
C GLY B 143 14.90 14.65 13.52
N GLY B 144 15.23 14.84 12.26
CA GLY B 144 14.58 14.12 11.18
C GLY B 144 14.45 12.63 11.43
N PRO B 145 15.57 11.96 11.72
CA PRO B 145 15.48 10.50 11.87
C PRO B 145 14.58 10.08 13.02
N GLY B 146 14.64 10.79 14.15
CA GLY B 146 13.70 10.51 15.24
C GLY B 146 12.26 10.76 14.85
N MET B 147 11.99 11.89 14.19
CA MET B 147 10.63 12.19 13.72
C MET B 147 10.11 11.11 12.76
N THR B 148 11.01 10.55 11.92
CA THR B 148 10.60 9.52 10.99
C THR B 148 10.13 8.26 11.73
N ALA B 149 10.95 7.79 12.68
CA ALA B 149 10.60 6.58 13.44
C ALA B 149 9.37 6.81 14.31
N TRP B 150 9.37 7.91 15.07
CA TRP B 150 8.30 8.16 16.03
C TRP B 150 6.98 8.50 15.33
N GLY B 151 7.04 9.34 14.30
CA GLY B 151 5.82 9.61 13.53
C GLY B 151 5.21 8.35 12.94
N THR B 152 6.04 7.48 12.36
CA THR B 152 5.53 6.24 11.79
C THR B 152 4.86 5.38 12.87
N MET B 153 5.49 5.28 14.06
CA MET B 153 5.03 4.36 15.08
C MET B 153 3.87 4.90 15.89
N THR B 154 3.62 6.22 15.86
CA THR B 154 2.49 6.78 16.57
C THR B 154 1.41 7.35 15.66
N LYS B 155 1.66 7.50 14.36
CA LYS B 155 0.66 8.07 13.46
C LYS B 155 0.17 7.09 12.40
N PHE B 156 0.84 5.95 12.24
CA PHE B 156 0.43 4.97 11.24
C PHE B 156 0.38 3.56 11.82
N MET B 157 1.54 3.03 12.19
CA MET B 157 1.60 1.67 12.67
C MET B 157 1.00 1.57 14.07
N GLN B 158 0.17 0.54 14.27
CA GLN B 158 -0.46 0.26 15.57
C GLN B 158 0.05 -1.08 16.05
N VAL B 159 1.26 -1.10 16.65
CA VAL B 159 1.83 -2.36 17.10
C VAL B 159 1.07 -2.84 18.34
N ARG B 160 0.73 -4.11 18.35
CA ARG B 160 0.01 -4.68 19.47
C ARG B 160 0.77 -5.85 20.07
N PRO B 161 0.55 -6.12 21.36
CA PRO B 161 1.30 -7.20 21.99
C PRO B 161 1.12 -8.49 21.21
N GLY B 162 2.22 -9.16 20.93
CA GLY B 162 2.20 -10.40 20.18
C GLY B 162 2.35 -10.25 18.67
N ASP B 163 2.32 -9.01 18.15
CA ASP B 163 2.68 -8.80 16.75
C ASP B 163 4.08 -9.32 16.47
N THR B 164 4.32 -9.71 15.23
CA THR B 164 5.67 -9.85 14.72
C THR B 164 5.96 -8.67 13.81
N VAL B 165 7.01 -7.91 14.14
CA VAL B 165 7.42 -6.71 13.42
C VAL B 165 8.76 -7.01 12.75
N VAL B 166 8.83 -6.74 11.43
CA VAL B 166 10.05 -6.92 10.65
C VAL B 166 10.56 -5.53 10.24
N VAL B 167 11.87 -5.33 10.36
CA VAL B 167 12.53 -4.06 10.03
C VAL B 167 13.66 -4.37 9.06
N SER B 168 13.52 -3.99 7.79
CA SER B 168 14.64 -4.12 6.85
C SER B 168 15.52 -2.87 6.92
N GLY B 169 16.83 -3.07 6.87
CA GLY B 169 17.77 -1.99 7.14
C GLY B 169 17.67 -1.52 8.58
N ALA B 170 17.76 -2.43 9.53
CA ALA B 170 17.52 -2.09 10.94
C ALA B 170 18.69 -1.61 11.78
N SER B 171 19.90 -1.70 11.25
CA SER B 171 21.12 -1.33 12.00
C SER B 171 21.30 0.15 12.26
N GLY B 172 20.68 0.99 11.47
CA GLY B 172 20.78 2.41 11.65
C GLY B 172 19.91 2.97 12.73
N MET B 173 19.93 4.28 12.90
CA MET B 173 19.15 4.90 13.93
C MET B 173 17.66 4.70 13.72
N ILE B 174 17.22 4.82 12.48
CA ILE B 174 15.76 4.78 12.30
C ILE B 174 15.24 3.37 12.59
N GLY B 175 15.92 2.36 12.04
CA GLY B 175 15.46 0.99 12.24
C GLY B 175 15.55 0.53 13.69
N THR B 176 16.63 0.91 14.39
CA THR B 176 16.73 0.55 15.79
C THR B 176 15.71 1.29 16.64
N LEU B 177 15.38 2.54 16.30
CA LEU B 177 14.31 3.22 17.04
C LEU B 177 12.98 2.53 16.82
N VAL B 178 12.65 2.24 15.55
CA VAL B 178 11.45 1.48 15.22
C VAL B 178 11.43 0.17 16.03
N GLY B 179 12.52 -0.59 15.96
CA GLY B 179 12.58 -1.88 16.62
C GLY B 179 12.32 -1.79 18.12
N GLN B 180 12.93 -0.80 18.78
CA GLN B 180 12.78 -0.65 20.22
C GLN B 180 11.38 -0.19 20.59
N MET B 181 10.81 0.74 19.80
CA MET B 181 9.44 1.15 20.04
C MET B 181 8.47 -0.01 19.86
N ALA B 182 8.76 -0.89 18.89
CA ALA B 182 7.91 -2.07 18.68
C ALA B 182 8.03 -3.04 19.85
N LYS B 183 9.25 -3.24 20.35
CA LYS B 183 9.43 -4.15 21.48
C LYS B 183 8.71 -3.62 22.73
N ARG B 184 8.75 -2.30 22.95
CA ARG B 184 8.07 -1.71 24.09
C ARG B 184 6.56 -1.89 24.00
N ALA B 185 6.03 -2.02 22.79
CA ALA B 185 4.61 -2.24 22.58
C ALA B 185 4.23 -3.71 22.67
N GLY B 186 5.19 -4.59 22.95
CA GLY B 186 4.93 -6.00 23.13
C GLY B 186 5.15 -6.87 21.92
N ALA B 187 5.86 -6.40 20.91
CA ALA B 187 6.02 -7.19 19.69
C ALA B 187 7.26 -8.09 19.75
N ARG B 188 7.22 -9.14 18.93
CA ARG B 188 8.44 -9.78 18.47
C ARG B 188 9.02 -8.94 17.33
N VAL B 189 10.34 -8.69 17.36
CA VAL B 189 10.98 -7.76 16.44
C VAL B 189 12.12 -8.48 15.72
N VAL B 190 12.02 -8.54 14.39
CA VAL B 190 13.04 -9.10 13.52
C VAL B 190 13.65 -7.96 12.71
N GLY B 191 14.98 -7.94 12.58
CA GLY B 191 15.67 -6.99 11.75
C GLY B 191 16.63 -7.68 10.78
N THR B 192 17.17 -6.88 9.86
CA THR B 192 18.28 -7.31 9.01
C THR B 192 19.48 -6.42 9.31
N ALA B 193 20.68 -6.98 9.17
CA ALA B 193 21.91 -6.23 9.43
C ALA B 193 23.04 -6.87 8.66
N GLY B 194 24.14 -6.10 8.52
CA GLY B 194 25.17 -6.46 7.55
C GLY B 194 26.39 -7.19 8.07
N SER B 195 26.56 -7.30 9.38
CA SER B 195 27.72 -8.00 9.92
C SER B 195 27.34 -8.68 11.23
N ALA B 196 28.17 -9.65 11.64
CA ALA B 196 27.94 -10.30 12.92
C ALA B 196 27.98 -9.29 14.05
N GLY B 197 28.89 -8.31 13.97
CA GLY B 197 28.98 -7.32 15.03
C GLY B 197 27.72 -6.50 15.18
N LYS B 198 27.13 -6.06 14.06
CA LYS B 198 25.89 -5.30 14.14
C LYS B 198 24.74 -6.19 14.64
N ALA B 199 24.71 -7.45 14.21
CA ALA B 199 23.67 -8.36 14.66
C ALA B 199 23.63 -8.49 16.18
N ARG B 200 24.79 -8.59 16.83
CA ARG B 200 24.82 -8.65 18.30
C ARG B 200 24.47 -7.31 18.91
N TYR B 201 24.82 -6.21 18.23
CA TYR B 201 24.39 -4.91 18.71
C TYR B 201 22.86 -4.80 18.70
N LEU B 202 22.22 -5.19 17.60
CA LEU B 202 20.75 -5.12 17.54
C LEU B 202 20.12 -6.03 18.58
N SER B 203 20.64 -7.25 18.73
CA SER B 203 20.12 -8.17 19.73
C SER B 203 20.13 -7.53 21.11
N GLN B 204 21.29 -7.02 21.53
CA GLN B 204 21.39 -6.36 22.84
C GLN B 204 20.58 -5.07 22.91
N LEU B 205 19.94 -4.67 21.80
CA LEU B 205 18.99 -3.57 21.86
C LEU B 205 17.55 -4.05 22.00
N GLY B 206 17.32 -5.36 21.89
CA GLY B 206 16.00 -5.92 22.09
C GLY B 206 15.49 -6.76 20.94
N PHE B 207 16.19 -6.72 19.80
CA PHE B 207 15.76 -7.50 18.64
C PHE B 207 15.79 -8.99 18.97
N ASP B 208 14.71 -9.69 18.58
CA ASP B 208 14.57 -11.12 18.81
C ASP B 208 15.30 -11.95 17.76
N ALA B 209 15.48 -11.41 16.56
CA ALA B 209 16.21 -12.10 15.51
C ALA B 209 16.79 -11.07 14.57
N VAL B 210 17.96 -11.38 14.01
CA VAL B 210 18.63 -10.51 13.05
C VAL B 210 19.12 -11.38 11.90
N ILE B 211 18.67 -11.07 10.69
CA ILE B 211 19.03 -11.80 9.48
C ILE B 211 20.21 -11.12 8.81
N ASP B 212 21.19 -11.90 8.38
CA ASP B 212 22.35 -11.38 7.65
C ASP B 212 21.92 -11.25 6.19
N TYR B 213 21.65 -10.01 5.76
CA TYR B 213 21.13 -9.78 4.42
C TYR B 213 22.17 -10.04 3.33
N LYS B 214 23.46 -10.00 3.68
CA LYS B 214 24.50 -10.31 2.71
C LYS B 214 24.55 -11.81 2.42
N LEU B 215 24.34 -12.64 3.45
CA LEU B 215 24.25 -14.07 3.21
C LEU B 215 22.95 -14.44 2.50
N ALA B 216 21.82 -13.91 2.99
CA ALA B 216 20.51 -14.19 2.40
C ALA B 216 20.23 -13.17 1.30
N ASP B 217 20.93 -13.34 0.19
CA ASP B 217 20.94 -12.36 -0.88
C ASP B 217 19.87 -12.62 -1.95
N ASP B 218 19.00 -13.61 -1.74
CA ASP B 218 17.91 -13.99 -2.63
C ASP B 218 16.58 -13.80 -1.91
N ALA B 219 15.50 -13.77 -2.70
CA ALA B 219 14.17 -13.89 -2.10
C ALA B 219 13.94 -15.29 -1.55
N ASP B 220 14.50 -16.32 -2.19
CA ASP B 220 14.39 -17.68 -1.64
C ASP B 220 15.07 -17.77 -0.29
N LYS B 221 16.35 -17.36 -0.21
CA LYS B 221 17.07 -17.39 1.06
C LYS B 221 16.42 -16.48 2.09
N MET B 222 15.88 -15.33 1.65
CA MET B 222 15.24 -14.43 2.60
C MET B 222 13.93 -15.02 3.11
N ARG B 223 13.15 -15.63 2.24
CA ARG B 223 11.96 -16.35 2.69
C ARG B 223 12.32 -17.39 3.74
N GLU B 224 13.30 -18.25 3.42
CA GLU B 224 13.78 -19.22 4.39
C GLU B 224 14.11 -18.57 5.72
N ALA B 225 14.94 -17.52 5.69
CA ALA B 225 15.36 -16.87 6.92
C ALA B 225 14.17 -16.24 7.65
N LEU B 226 13.21 -15.69 6.91
CA LEU B 226 12.06 -15.05 7.56
C LEU B 226 11.13 -16.08 8.17
N ARG B 227 10.98 -17.23 7.51
CA ARG B 227 10.14 -18.28 8.09
C ARG B 227 10.73 -18.79 9.41
N GLU B 228 12.06 -18.83 9.54
CA GLU B 228 12.63 -19.15 10.86
C GLU B 228 12.38 -18.03 11.85
N ALA B 229 12.68 -16.79 11.45
CA ALA B 229 12.66 -15.68 12.40
C ALA B 229 11.25 -15.21 12.72
N ALA B 230 10.29 -15.44 11.82
CA ALA B 230 8.90 -14.99 12.01
C ALA B 230 7.97 -16.16 11.69
N PRO B 231 7.95 -17.17 12.57
CA PRO B 231 7.18 -18.39 12.24
C PRO B 231 5.68 -18.16 12.18
N ASP B 232 5.15 -17.14 12.86
CA ASP B 232 3.72 -16.87 12.86
C ASP B 232 3.30 -15.83 11.80
N GLY B 233 4.15 -15.57 10.81
CA GLY B 233 3.87 -14.54 9.82
C GLY B 233 4.34 -13.16 10.25
N VAL B 234 4.04 -12.16 9.41
CA VAL B 234 4.49 -10.80 9.62
C VAL B 234 3.28 -9.89 9.74
N ASP B 235 3.14 -9.23 10.90
CA ASP B 235 2.08 -8.27 11.14
C ASP B 235 2.47 -6.84 10.73
N LYS B 236 3.71 -6.42 11.01
CA LYS B 236 4.16 -5.08 10.63
C LYS B 236 5.49 -5.18 9.91
N TYR B 237 5.69 -4.33 8.90
CA TYR B 237 6.95 -4.28 8.17
C TYR B 237 7.34 -2.82 7.99
N PHE B 238 8.49 -2.44 8.54
CA PHE B 238 9.07 -1.12 8.31
C PHE B 238 10.22 -1.31 7.32
N ASP B 239 10.02 -0.81 6.10
CA ASP B 239 10.84 -1.20 4.95
C ASP B 239 11.72 -0.03 4.54
N SER B 240 13.05 -0.23 4.60
CA SER B 240 13.99 0.75 4.09
C SER B 240 14.80 0.23 2.91
N ILE B 241 14.55 -1.00 2.47
CA ILE B 241 15.43 -1.68 1.53
C ILE B 241 14.75 -2.03 0.21
N GLY B 242 13.50 -2.52 0.27
CA GLY B 242 12.88 -2.96 -0.96
C GLY B 242 13.54 -4.23 -1.49
N GLY B 243 13.38 -4.46 -2.79
CA GLY B 243 14.07 -5.57 -3.42
C GLY B 243 13.62 -6.93 -2.88
N SER B 244 14.59 -7.85 -2.79
CA SER B 244 14.27 -9.24 -2.50
C SER B 244 13.80 -9.44 -1.06
N VAL B 245 14.27 -8.64 -0.10
CA VAL B 245 13.75 -8.81 1.26
C VAL B 245 12.26 -8.46 1.31
N THR B 246 11.88 -7.36 0.67
CA THR B 246 10.47 -6.96 0.61
C THR B 246 9.62 -7.97 -0.15
N ASP B 247 10.14 -8.50 -1.27
CA ASP B 247 9.42 -9.56 -1.98
C ASP B 247 9.09 -10.73 -1.04
N ALA B 248 10.04 -11.09 -0.18
CA ALA B 248 9.84 -12.24 0.71
C ALA B 248 8.86 -11.91 1.83
N VAL B 249 8.97 -10.72 2.42
CA VAL B 249 8.04 -10.33 3.47
C VAL B 249 6.60 -10.36 2.94
N PHE B 250 6.39 -9.90 1.72
CA PHE B 250 5.05 -9.89 1.15
C PHE B 250 4.50 -11.30 0.91
N SER B 251 5.35 -12.32 0.88
CA SER B 251 4.83 -13.68 0.76
C SER B 251 4.24 -14.19 2.06
N MET B 252 4.37 -13.45 3.16
CA MET B 252 3.99 -13.98 4.47
C MET B 252 3.31 -12.91 5.31
N LEU B 253 2.61 -11.98 4.67
CA LEU B 253 1.86 -10.96 5.40
C LEU B 253 0.63 -11.56 6.04
N ASN B 254 0.41 -11.24 7.31
CA ASN B 254 -0.75 -11.68 8.04
C ASN B 254 -1.94 -10.77 7.74
N VAL B 255 -3.14 -11.24 8.12
CA VAL B 255 -4.35 -10.45 7.96
C VAL B 255 -4.24 -9.17 8.75
N GLY B 256 -4.61 -8.05 8.13
CA GLY B 256 -4.57 -6.76 8.82
C GLY B 256 -3.20 -6.16 8.98
N SER B 257 -2.18 -6.71 8.30
CA SER B 257 -0.82 -6.23 8.46
C SER B 257 -0.67 -4.79 7.96
N GLN B 258 0.39 -4.12 8.43
CA GLN B 258 0.75 -2.79 7.95
C GLN B 258 2.21 -2.75 7.50
N VAL B 259 2.45 -2.06 6.37
CA VAL B 259 3.78 -1.89 5.78
C VAL B 259 4.05 -0.39 5.63
N ALA B 260 5.13 0.08 6.26
CA ALA B 260 5.58 1.45 6.07
C ALA B 260 6.79 1.44 5.15
N VAL B 261 6.73 2.24 4.07
CA VAL B 261 7.80 2.29 3.09
C VAL B 261 8.60 3.56 3.36
N CYS B 262 9.73 3.37 4.02
CA CYS B 262 10.62 4.46 4.41
C CYS B 262 11.70 4.75 3.36
N TRP B 263 12.16 3.73 2.65
CA TRP B 263 13.14 3.89 1.57
C TRP B 263 13.17 2.60 0.78
N GLN B 264 13.85 2.63 -0.37
CA GLN B 264 13.99 1.46 -1.23
C GLN B 264 15.43 1.35 -1.75
N TRP B 265 16.35 1.03 -0.83
CA TRP B 265 17.78 0.97 -1.14
C TRP B 265 18.04 0.08 -2.37
N ALA B 266 17.42 -1.10 -2.40
CA ALA B 266 17.60 -2.02 -3.52
C ALA B 266 17.33 -1.35 -4.87
N THR B 267 16.33 -0.49 -4.94
CA THR B 267 16.05 0.18 -6.20
C THR B 267 16.92 1.43 -6.39
N GLN B 268 16.92 2.35 -5.45
CA GLN B 268 17.66 3.59 -5.62
C GLN B 268 19.16 3.40 -5.73
N VAL B 269 19.74 2.59 -4.86
CA VAL B 269 21.19 2.41 -4.87
C VAL B 269 21.60 1.25 -5.77
N GLN B 270 20.98 0.08 -5.61
CA GLN B 270 21.43 -1.09 -6.36
C GLN B 270 20.76 -1.22 -7.72
N ARG B 271 19.84 -0.29 -8.05
CA ARG B 271 19.25 -0.20 -9.38
C ARG B 271 18.48 -1.47 -9.75
N ASP B 272 17.92 -2.11 -8.73
CA ASP B 272 17.01 -3.25 -8.90
C ASP B 272 15.62 -2.69 -9.20
N TYR B 273 15.32 -2.47 -10.48
CA TYR B 273 14.11 -1.75 -10.86
C TYR B 273 12.92 -2.65 -11.14
N HIS B 274 13.15 -3.95 -11.35
CA HIS B 274 12.10 -4.87 -11.76
C HIS B 274 12.07 -6.08 -10.84
N GLY B 275 10.88 -6.67 -10.70
CA GLY B 275 10.68 -7.79 -9.82
C GLY B 275 9.25 -8.26 -9.81
N PRO B 276 8.96 -9.23 -8.95
CA PRO B 276 7.59 -9.76 -8.87
C PRO B 276 6.62 -8.65 -8.49
N ARG B 277 5.45 -8.64 -9.14
CA ARG B 277 4.41 -7.71 -8.76
C ARG B 277 3.87 -8.10 -7.38
N LEU B 278 3.82 -7.12 -6.47
CA LEU B 278 3.49 -7.36 -5.08
C LEU B 278 2.00 -7.17 -4.77
N LEU B 279 1.30 -6.28 -5.47
CA LEU B 279 -0.10 -6.01 -5.14
C LEU B 279 -0.96 -7.26 -5.17
N PRO B 280 -0.72 -8.25 -6.02
CA PRO B 280 -1.48 -9.51 -5.94
C PRO B 280 -1.41 -10.19 -4.58
N TYR B 281 -0.50 -9.80 -3.69
CA TYR B 281 -0.32 -10.50 -2.43
C TYR B 281 -0.97 -9.81 -1.25
N ILE B 282 -1.63 -8.66 -1.47
CA ILE B 282 -2.14 -7.88 -0.35
C ILE B 282 -3.65 -7.95 -0.22
N MET B 283 -4.34 -8.66 -1.11
CA MET B 283 -5.80 -8.65 -1.08
C MET B 283 -6.34 -9.49 0.08
N PHE B 284 -6.11 -10.79 0.05
CA PHE B 284 -6.58 -11.60 1.17
C PHE B 284 -6.06 -11.09 2.50
N PRO B 285 -4.79 -10.71 2.65
CA PRO B 285 -4.33 -10.15 3.93
C PRO B 285 -4.94 -8.80 4.30
N ARG B 286 -5.63 -8.14 3.37
CA ARG B 286 -6.13 -6.79 3.64
C ARG B 286 -5.00 -5.90 4.19
N ALA B 287 -3.80 -6.06 3.62
CA ALA B 287 -2.66 -5.30 4.09
C ALA B 287 -2.79 -3.83 3.71
N THR B 288 -2.31 -2.94 4.60
CA THR B 288 -2.23 -1.52 4.32
C THR B 288 -0.76 -1.11 4.18
N ILE B 289 -0.41 -0.50 3.04
CA ILE B 289 0.93 -0.01 2.73
C ILE B 289 0.89 1.51 2.67
N ARG B 290 1.81 2.17 3.36
CA ARG B 290 1.88 3.63 3.39
C ARG B 290 3.31 4.10 3.09
N GLY B 291 3.46 4.98 2.10
CA GLY B 291 4.74 5.65 1.91
C GLY B 291 4.98 6.69 3.00
N ILE B 292 6.21 6.72 3.48
CA ILE B 292 6.64 7.65 4.53
C ILE B 292 7.36 8.82 3.87
N PHE B 293 7.01 10.04 4.28
CA PHE B 293 7.77 11.23 3.86
C PHE B 293 7.71 12.19 5.04
N SER B 294 8.65 12.03 5.99
CA SER B 294 8.44 12.57 7.33
C SER B 294 8.45 14.09 7.37
N LEU B 295 8.88 14.78 6.30
CA LEU B 295 8.72 16.22 6.24
C LEU B 295 7.32 16.67 6.59
N GLU B 296 6.31 15.85 6.27
CA GLU B 296 4.93 16.27 6.57
C GLU B 296 4.68 16.40 8.06
N TRP B 297 5.51 15.77 8.90
CA TRP B 297 5.34 15.82 10.34
C TRP B 297 6.15 16.92 11.02
N PHE B 298 6.86 17.76 10.26
CA PHE B 298 7.70 18.82 10.83
C PHE B 298 6.80 19.98 11.25
N THR B 299 6.17 19.82 12.41
CA THR B 299 5.34 20.86 13.01
C THR B 299 5.78 21.11 14.44
N GLU B 300 5.52 22.32 14.93
CA GLU B 300 5.90 22.67 16.30
C GLU B 300 5.27 21.70 17.30
N GLN B 301 4.00 21.38 17.13
CA GLN B 301 3.36 20.46 18.06
C GLN B 301 4.05 19.11 18.03
N ASN B 302 4.45 18.64 16.83
CA ASN B 302 5.07 17.33 16.74
C ASN B 302 6.47 17.33 17.36
N TRP B 303 7.21 18.42 17.22
CA TRP B 303 8.55 18.48 17.82
C TRP B 303 8.45 18.47 19.35
N SER B 304 7.54 19.29 19.90
CA SER B 304 7.30 19.25 21.33
C SER B 304 6.88 17.87 21.78
N ALA B 305 5.97 17.22 21.04
CA ALA B 305 5.56 15.87 21.40
C ALA B 305 6.72 14.88 21.30
N LEU B 306 7.55 15.01 20.27
CA LEU B 306 8.72 14.12 20.14
C LEU B 306 9.67 14.32 21.31
N HIS B 307 9.98 15.58 21.63
CA HIS B 307 10.85 15.85 22.77
C HIS B 307 10.29 15.26 24.05
N GLU B 308 9.01 15.54 24.34
CA GLU B 308 8.33 14.98 25.50
C GLU B 308 8.45 13.46 25.56
N GLU B 309 7.85 12.77 24.58
CA GLU B 309 7.76 11.31 24.65
C GLU B 309 9.11 10.64 24.52
N LEU B 310 9.94 11.10 23.58
CA LEU B 310 11.19 10.40 23.32
C LEU B 310 12.34 10.89 24.20
N GLY B 311 12.37 12.18 24.51
CA GLY B 311 13.48 12.73 25.27
C GLY B 311 13.70 12.01 26.59
N GLY B 312 12.63 11.80 27.34
CA GLY B 312 12.75 11.11 28.61
C GLY B 312 13.35 9.73 28.46
N LEU B 313 12.69 8.88 27.66
CA LEU B 313 13.16 7.52 27.44
C LEU B 313 14.64 7.49 27.09
N VAL B 314 15.08 8.42 26.25
CA VAL B 314 16.46 8.38 25.74
C VAL B 314 17.46 8.64 26.85
N ARG B 315 17.32 9.78 27.56
CA ARG B 315 18.37 10.20 28.48
C ARG B 315 18.64 9.15 29.55
N ARG B 316 17.63 8.36 29.92
CA ARG B 316 17.81 7.25 30.86
C ARG B 316 18.39 6.00 30.21
N GLN B 317 18.73 6.07 28.92
CA GLN B 317 19.29 4.95 28.15
C GLN B 317 18.38 3.73 28.10
N GLU B 318 17.10 3.92 28.45
CA GLU B 318 16.10 2.88 28.22
C GLU B 318 15.84 2.68 26.73
N LEU B 319 15.48 3.76 26.03
CA LEU B 319 15.47 3.80 24.58
C LEU B 319 16.83 4.34 24.12
N VAL B 320 17.55 3.54 23.34
CA VAL B 320 18.96 3.78 23.04
C VAL B 320 19.08 4.55 21.72
N ALA B 321 19.68 5.73 21.79
CA ALA B 321 19.97 6.58 20.63
C ALA B 321 21.48 6.85 20.60
N HIS B 322 22.19 6.11 19.76
CA HIS B 322 23.63 6.26 19.61
C HIS B 322 23.95 7.21 18.45
N GLU B 323 25.21 7.63 18.39
CA GLU B 323 25.66 8.44 17.27
C GLU B 323 27.14 8.16 17.04
N THR B 324 27.56 8.34 15.80
CA THR B 324 28.95 8.24 15.36
C THR B 324 29.30 9.59 14.74
N VAL B 325 30.02 10.42 15.48
CA VAL B 325 30.34 11.78 15.06
C VAL B 325 31.77 11.83 14.57
N GLN B 326 31.96 12.02 13.27
CA GLN B 326 33.29 12.26 12.73
C GLN B 326 33.64 13.73 12.85
N ASP B 327 34.93 14.03 13.03
CA ASP B 327 35.40 15.40 13.12
C ASP B 327 35.97 15.87 11.80
N GLY B 328 35.64 17.10 11.41
CA GLY B 328 36.36 17.73 10.33
C GLY B 328 35.59 17.86 9.03
N PHE B 329 35.40 19.12 8.60
CA PHE B 329 34.69 19.39 7.36
C PHE B 329 35.31 18.64 6.19
N GLU B 330 36.65 18.54 6.15
CA GLU B 330 37.29 17.86 5.03
C GLU B 330 36.95 16.37 4.97
N HIS B 331 36.34 15.81 6.02
CA HIS B 331 36.05 14.38 6.03
C HIS B 331 34.58 14.06 5.72
N ILE B 332 33.76 15.06 5.36
CA ILE B 332 32.34 14.79 5.12
C ILE B 332 32.12 13.72 4.04
N PRO B 333 32.75 13.80 2.87
CA PRO B 333 32.49 12.76 1.85
C PRO B 333 32.95 11.37 2.28
N ALA B 334 34.02 11.28 3.07
CA ALA B 334 34.50 9.98 3.54
C ALA B 334 33.54 9.39 4.57
N ALA B 335 33.01 10.21 5.46
CA ALA B 335 31.98 9.74 6.37
C ALA B 335 30.76 9.24 5.60
N TYR B 336 30.29 10.06 4.65
CA TYR B 336 29.20 9.63 3.78
C TYR B 336 29.51 8.28 3.13
N GLN B 337 30.74 8.11 2.65
CA GLN B 337 31.09 6.87 1.96
C GLN B 337 30.90 5.65 2.86
N THR B 338 31.17 5.79 4.18
CA THR B 338 31.10 4.61 5.05
C THR B 338 29.69 4.04 5.10
N LEU B 339 28.67 4.86 4.84
CA LEU B 339 27.30 4.38 4.83
C LEU B 339 27.13 3.24 3.85
N PHE B 340 27.82 3.31 2.71
CA PHE B 340 27.65 2.33 1.64
C PHE B 340 28.73 1.27 1.63
N SER B 341 29.93 1.58 2.10
CA SER B 341 31.11 0.78 1.81
C SER B 341 31.80 0.21 3.05
N ALA B 342 31.59 0.80 4.22
CA ALA B 342 32.35 0.42 5.40
C ALA B 342 31.54 0.82 6.64
N SER B 343 30.33 0.30 6.73
CA SER B 343 29.45 0.68 7.84
C SER B 343 29.63 -0.19 9.08
N GLU B 344 30.50 -1.21 9.03
CA GLU B 344 30.57 -2.19 10.11
C GLU B 344 30.80 -1.53 11.47
N SER B 345 31.59 -0.45 11.49
CA SER B 345 31.95 0.25 12.73
C SER B 345 30.98 1.34 13.13
N ASN B 346 30.06 1.73 12.24
CA ASN B 346 29.11 2.79 12.53
C ASN B 346 28.04 2.32 13.50
N ARG B 347 27.60 3.24 14.36
CA ARG B 347 26.55 2.98 15.35
C ARG B 347 25.62 4.18 15.42
N GLY B 348 24.33 3.95 15.26
CA GLY B 348 23.41 5.07 15.37
C GLY B 348 23.56 6.05 14.21
N LYS B 349 23.28 7.31 14.50
CA LYS B 349 23.29 8.35 13.48
C LYS B 349 24.73 8.77 13.20
N VAL B 350 25.15 8.68 11.94
CA VAL B 350 26.46 9.15 11.50
C VAL B 350 26.37 10.64 11.17
N LEU B 351 27.18 11.45 11.83
CA LEU B 351 27.24 12.89 11.64
C LEU B 351 28.69 13.33 11.51
N VAL B 352 28.90 14.57 11.10
CA VAL B 352 30.23 15.17 11.08
C VAL B 352 30.16 16.47 11.86
N ARG B 353 31.05 16.61 12.85
CA ARG B 353 31.19 17.88 13.56
C ARG B 353 32.18 18.78 12.83
N VAL B 354 31.75 19.99 12.52
CA VAL B 354 32.53 20.90 11.67
C VAL B 354 33.20 21.96 12.54
#